data_8Q6V
#
_entry.id   8Q6V
#
loop_
_entity.id
_entity.type
_entity.pdbx_description
1 polymer 'Decapping nuclease RAI1'
2 polymer "5'-3' exoribonuclease 2"
3 non-polymer 'MAGNESIUM ION'
#
loop_
_entity_poly.entity_id
_entity_poly.type
_entity_poly.pdbx_seq_one_letter_code
_entity_poly.pdbx_strand_id
1 'polypeptide(L)'
;MGVSANLFVKQRGSTTALKQPKEIGFYSRTKDEEYLISDDTNLNYYYLPDAELDRKLDLSSGFQKFKDYYKDFEDRCSLR
GLLETIESSERHKGKKINADIITFRGIARKLISCAFDSPSFNTVDLRIVSFNGQLFIKEVPEAVNAAKASSATEAGRNIN
QDLNVFTGYKFETLATLSNPLQYTPREVIEKRTKRIVSHGDEYISVVRTGVGNCKLILGAEVDCIFDFKENGRDNLKHYA
ELKCTQQVANISDTHKFERKLFRTWLQCFLVGIPRIIYGFKDDHYVLKTVEEFSTEEVPVLLKNNNPQVGSACLEAIKWY
GLLTEWLLKMIPRDEDPHSQIRAFKLVFENNHLRLSEIEESDEEYSGLIDGEHILSNGFKEWRKSLK
;
A
2 'polypeptide(L)'
;MGVPSFFRWLSRKYPKIISPVLEEQPQIVDGVILPLDYSASNPNGELDNLYLDMNGIVHPCSHPENKPPPETEDEMLLAV
FEYTNRVLNMARPRKVLVMAVDGVAPRAKMNQQRARRFRSARDAQIENEAREEIMRQREEVGEIIDDAVRNKKTWDSNAI
TPGTPFMDKLAAALRYWTAFKLATDPGWKNLQVIISDATVPGEGEHKIMNFIRSQRADPEYNPNTTHCIYGLDADLIFLG
LATHEPHFKILREDVFAQDNRKRNNLKDTINMTEEEKQFLQKQNSEQPFLWLHINVLREYLSAELWVPGLPFTFDLERAI
DDWVFMCFFCGNDFLPHLPCLDVRENSIDILLDIWKVVLPKLKTYMTCDGVLNLPSVETLLQHLGSREGDIFKTRHIQEA
RKKEAFERRKAQKNMSKGQDRHPTVATEQLQMYDTQGNLAKGSWNLTTSDMVRLKKELMLANEGNEEAIAKVKQQSDKNN
ELMKDISKEEIDDAVSKANKTNFNLAEVMKQKIINKKHRLEKDNEEEEIAKDSKKVKTEKAESECDLDAEIKDEIVADVN
DRENSETTEVSRDSPVHSTVNVSEGPKNGVFDTDEFVKLFEPGYHERYYTAKFHVTPQDIEQLRKDMVKCYIEGVAWVLM
YYYQGCASWNWFYPYHYAPLATDFHGFSHLEIKFEEGTPFLPYEQLMSVLPAASGHALPKIFRSLMSEPDSEIIDFYPEE
FPIDMNGKKMSWQGIALLPFIDQDRLLTAVRAQYPLLSDAERARNIRGEPVLLISNKNANYERFSKKLYSKENNNNNVVV
KFQHFKSGLSGIVSKDVEGFELNGKIVCPIQGGSLPNLSTTLILKMSYRLIPLPSRNKSIILNGFIPSEPVLTAYDLDSI
MYKYNNQNYSRRWNFGNDLKQNIVPVGPKGITQYKPRTGGYRAFFYFAELSRNNVQPAHNYGRNSYNSQPGFNNSRYDGG
NNNYRQNSNYRNNNYSGNRNSGQYSGNSYSRNNKQSRYDNSRANRR
;
B
#
# COMPACT_ATOMS: atom_id res chain seq x y z
N MET A 1 20.70 -1.67 -62.21
CA MET A 1 21.15 -1.34 -60.84
C MET A 1 21.73 0.06 -60.78
N GLY A 2 20.91 1.08 -60.49
CA GLY A 2 21.35 2.49 -60.46
C GLY A 2 22.28 2.87 -59.29
N VAL A 3 22.29 2.09 -58.21
CA VAL A 3 23.23 2.22 -57.10
C VAL A 3 23.41 0.90 -56.35
N SER A 4 24.63 0.68 -55.84
CA SER A 4 24.99 -0.53 -55.09
C SER A 4 26.14 -0.23 -54.12
N ALA A 5 26.22 -0.92 -52.99
CA ALA A 5 27.34 -0.80 -52.07
C ALA A 5 27.47 -2.02 -51.15
N ASN A 6 28.66 -2.21 -50.60
CA ASN A 6 28.97 -3.21 -49.59
C ASN A 6 29.58 -2.51 -48.36
N LEU A 7 29.44 -3.12 -47.18
CA LEU A 7 30.25 -2.79 -46.01
C LEU A 7 30.80 -4.06 -45.37
N PHE A 8 32.10 -4.12 -45.14
CA PHE A 8 32.71 -5.24 -44.41
C PHE A 8 32.36 -5.18 -42.93
N VAL A 9 31.87 -6.29 -42.39
CA VAL A 9 31.25 -6.36 -41.07
C VAL A 9 32.18 -5.98 -39.92
N LYS A 10 33.50 -6.20 -40.02
CA LYS A 10 34.43 -6.01 -38.89
C LYS A 10 35.20 -4.70 -38.91
N GLN A 11 34.95 -3.80 -39.86
CA GLN A 11 35.40 -2.41 -39.78
C GLN A 11 34.62 -1.66 -38.68
N ARG A 12 35.25 -0.75 -37.93
CA ARG A 12 34.62 -0.02 -36.80
C ARG A 12 34.94 1.47 -36.77
N GLY A 13 33.95 2.28 -36.39
CA GLY A 13 34.05 3.74 -36.23
C GLY A 13 34.70 4.19 -34.91
N SER A 14 34.34 5.38 -34.43
CA SER A 14 35.09 6.06 -33.35
C SER A 14 34.26 6.77 -32.27
N THR A 15 32.99 7.14 -32.50
CA THR A 15 32.21 7.92 -31.50
C THR A 15 31.84 7.08 -30.28
N THR A 16 32.11 7.62 -29.09
CA THR A 16 32.06 6.83 -27.86
C THR A 16 30.66 6.61 -27.26
N ALA A 17 29.67 7.42 -27.61
CA ALA A 17 28.36 7.40 -26.94
C ALA A 17 27.19 7.80 -27.84
N LEU A 18 26.00 7.33 -27.48
CA LEU A 18 24.73 7.75 -28.06
C LEU A 18 24.28 9.09 -27.47
N LYS A 19 23.39 9.77 -28.17
CA LYS A 19 22.65 10.90 -27.61
C LYS A 19 21.71 10.46 -26.49
N GLN A 20 21.24 11.38 -25.66
CA GLN A 20 20.19 11.09 -24.67
C GLN A 20 18.84 10.84 -25.37
N PRO A 21 18.15 9.71 -25.10
CA PRO A 21 16.88 9.40 -25.75
C PRO A 21 15.71 10.22 -25.20
N LYS A 22 14.63 10.38 -25.97
CA LYS A 22 13.41 11.05 -25.55
C LYS A 22 12.17 10.40 -26.17
N GLU A 23 11.05 10.35 -25.46
CA GLU A 23 9.85 9.64 -25.90
C GLU A 23 8.90 10.60 -26.62
N ILE A 24 8.61 10.35 -27.89
CA ILE A 24 7.77 11.23 -28.71
C ILE A 24 6.28 10.97 -28.44
N GLY A 25 5.91 9.70 -28.27
CA GLY A 25 4.53 9.23 -28.20
C GLY A 25 4.49 7.70 -28.20
N PHE A 26 3.32 7.10 -28.38
CA PHE A 26 3.15 5.65 -28.30
C PHE A 26 1.89 5.19 -29.00
N TYR A 27 1.80 3.89 -29.28
CA TYR A 27 0.60 3.26 -29.78
C TYR A 27 0.48 1.85 -29.25
N SER A 28 -0.73 1.31 -29.28
CA SER A 28 -0.98 -0.09 -28.96
C SER A 28 -1.69 -0.77 -30.10
N ARG A 29 -1.40 -2.05 -30.32
CA ARG A 29 -1.94 -2.83 -31.43
C ARG A 29 -2.88 -3.89 -30.91
N THR A 30 -4.11 -3.87 -31.40
CA THR A 30 -5.13 -4.86 -31.02
C THR A 30 -4.81 -6.24 -31.56
N LYS A 31 -5.51 -7.25 -31.04
CA LYS A 31 -5.57 -8.61 -31.61
C LYS A 31 -6.08 -8.66 -33.05
N ASP A 32 -6.65 -7.57 -33.55
CA ASP A 32 -7.34 -7.47 -34.83
C ASP A 32 -6.56 -6.61 -35.85
N GLU A 33 -5.27 -6.37 -35.60
CA GLU A 33 -4.42 -5.46 -36.39
C GLU A 33 -4.89 -4.00 -36.45
N GLU A 34 -5.87 -3.60 -35.65
CA GLU A 34 -6.17 -2.19 -35.46
C GLU A 34 -5.08 -1.56 -34.62
N TYR A 35 -4.60 -0.39 -35.02
CA TYR A 35 -3.57 0.38 -34.34
C TYR A 35 -4.20 1.57 -33.61
N LEU A 36 -3.92 1.70 -32.31
CA LEU A 36 -4.49 2.71 -31.43
C LEU A 36 -3.39 3.69 -31.03
N ILE A 37 -3.24 4.76 -31.82
CA ILE A 37 -2.29 5.83 -31.53
C ILE A 37 -2.67 6.58 -30.26
N SER A 38 -1.68 6.98 -29.48
CA SER A 38 -1.86 7.70 -28.21
C SER A 38 -2.75 6.97 -27.20
N ASP A 39 -2.84 5.64 -27.27
CA ASP A 39 -3.66 4.81 -26.38
C ASP A 39 -2.88 3.63 -25.82
N ASP A 40 -3.12 3.29 -24.55
CA ASP A 40 -2.23 2.47 -23.73
C ASP A 40 -2.92 1.26 -23.09
N THR A 41 -4.04 0.80 -23.65
CA THR A 41 -4.79 -0.36 -23.13
C THR A 41 -3.93 -1.59 -22.91
N ASN A 42 -2.89 -1.75 -23.73
CA ASN A 42 -2.04 -2.94 -23.72
C ASN A 42 -0.85 -2.82 -22.77
N LEU A 43 -0.62 -1.67 -22.16
CA LEU A 43 0.50 -1.50 -21.24
C LEU A 43 0.24 -2.27 -19.94
N ASN A 44 0.99 -3.34 -19.70
CA ASN A 44 0.87 -4.10 -18.46
C ASN A 44 1.58 -3.40 -17.29
N TYR A 45 1.21 -3.78 -16.08
CA TYR A 45 1.84 -3.36 -14.83
C TYR A 45 2.55 -4.54 -14.18
N TYR A 46 3.80 -4.40 -13.79
CA TYR A 46 4.55 -5.51 -13.21
C TYR A 46 4.05 -5.87 -11.83
N TYR A 47 3.87 -7.16 -11.52
CA TYR A 47 3.55 -7.62 -10.18
C TYR A 47 3.83 -9.11 -9.98
N LEU A 48 4.80 -9.41 -9.12
CA LEU A 48 5.16 -10.76 -8.70
C LEU A 48 5.90 -10.70 -7.34
N PRO A 49 5.23 -10.90 -6.21
CA PRO A 49 5.86 -10.97 -4.90
C PRO A 49 6.91 -12.08 -4.76
N ASP A 50 7.92 -11.88 -3.92
CA ASP A 50 8.99 -12.87 -3.69
C ASP A 50 8.46 -14.21 -3.20
N ALA A 51 7.35 -14.23 -2.47
CA ALA A 51 6.70 -15.45 -2.03
C ALA A 51 6.20 -16.34 -3.19
N GLU A 52 5.88 -15.76 -4.35
CA GLU A 52 5.41 -16.53 -5.51
C GLU A 52 6.47 -17.53 -5.98
N LEU A 53 7.74 -17.20 -5.82
CA LEU A 53 8.85 -18.07 -6.19
C LEU A 53 8.86 -19.38 -5.39
N ASP A 54 8.19 -19.42 -4.24
CA ASP A 54 8.02 -20.66 -3.48
C ASP A 54 7.05 -21.62 -4.17
N ARG A 55 6.03 -21.11 -4.86
CA ARG A 55 5.03 -21.92 -5.56
C ARG A 55 5.64 -22.55 -6.82
N LYS A 56 5.27 -23.79 -7.15
CA LYS A 56 5.84 -24.52 -8.29
C LYS A 56 5.15 -24.17 -9.60
N LEU A 57 5.16 -22.89 -9.98
CA LEU A 57 4.50 -22.41 -11.19
C LEU A 57 5.08 -23.03 -12.45
N ASP A 58 4.21 -23.47 -13.36
CA ASP A 58 4.60 -24.20 -14.56
C ASP A 58 4.31 -23.37 -15.82
N LEU A 59 5.38 -23.00 -16.52
CA LEU A 59 5.32 -22.15 -17.69
C LEU A 59 4.78 -22.85 -18.94
N SER A 60 4.57 -24.17 -18.94
CA SER A 60 3.88 -24.85 -20.04
C SER A 60 2.35 -24.80 -19.94
N SER A 61 1.80 -24.50 -18.77
CA SER A 61 0.37 -24.68 -18.52
C SER A 61 -0.50 -23.78 -19.40
N GLY A 62 -1.44 -24.36 -20.15
CA GLY A 62 -2.30 -23.63 -21.08
C GLY A 62 -1.77 -23.54 -22.51
N PHE A 63 -0.64 -24.17 -22.81
CA PHE A 63 -0.05 -24.18 -24.16
C PHE A 63 -1.05 -24.60 -25.25
N GLN A 64 -1.87 -25.61 -25.00
CA GLN A 64 -2.84 -26.11 -25.96
C GLN A 64 -3.94 -25.10 -26.33
N LYS A 65 -4.17 -24.08 -25.49
CA LYS A 65 -5.15 -23.00 -25.74
C LYS A 65 -4.51 -21.66 -26.08
N PHE A 66 -3.20 -21.64 -26.35
CA PHE A 66 -2.46 -20.43 -26.73
C PHE A 66 -3.04 -19.76 -27.98
N LYS A 67 -3.41 -18.48 -27.89
CA LYS A 67 -3.97 -17.71 -29.01
C LYS A 67 -2.89 -16.88 -29.69
N ASP A 68 -2.19 -17.49 -30.62
CA ASP A 68 -1.08 -16.90 -31.37
C ASP A 68 -1.56 -16.02 -32.55
N TYR A 69 -2.31 -14.95 -32.27
CA TYR A 69 -2.94 -14.09 -33.29
C TYR A 69 -1.95 -13.60 -34.35
N TYR A 70 -0.70 -13.37 -33.96
CA TYR A 70 0.35 -12.84 -34.83
C TYR A 70 0.57 -13.66 -36.12
N LYS A 71 0.38 -14.97 -36.10
CA LYS A 71 0.51 -15.81 -37.31
C LYS A 71 -0.51 -15.44 -38.39
N ASP A 72 -1.68 -14.96 -37.99
CA ASP A 72 -2.78 -14.66 -38.90
C ASP A 72 -2.69 -13.26 -39.49
N PHE A 73 -1.74 -12.43 -39.07
CA PHE A 73 -1.65 -11.04 -39.48
C PHE A 73 -1.32 -10.89 -40.97
N GLU A 74 -1.93 -9.91 -41.62
CA GLU A 74 -1.76 -9.61 -43.05
C GLU A 74 -0.35 -9.06 -43.37
N ASP A 75 0.19 -8.20 -42.52
CA ASP A 75 1.47 -7.52 -42.74
C ASP A 75 2.27 -7.49 -41.44
N ARG A 76 2.91 -8.60 -41.11
CA ARG A 76 3.45 -8.92 -39.77
C ARG A 76 4.51 -7.96 -39.24
N CYS A 77 5.04 -7.08 -40.08
CA CYS A 77 6.03 -6.06 -39.73
C CYS A 77 5.60 -4.63 -40.10
N SER A 78 4.30 -4.39 -40.31
CA SER A 78 3.82 -3.12 -40.86
C SER A 78 4.13 -1.92 -39.98
N LEU A 79 4.75 -0.89 -40.54
CA LEU A 79 5.14 0.31 -39.78
C LEU A 79 3.99 1.28 -39.53
N ARG A 80 2.78 1.00 -40.00
CA ARG A 80 1.70 2.00 -40.15
C ARG A 80 1.45 2.83 -38.89
N GLY A 81 1.41 2.18 -37.73
CA GLY A 81 1.20 2.86 -36.44
C GLY A 81 2.33 3.81 -36.06
N LEU A 82 3.58 3.46 -36.35
CA LEU A 82 4.72 4.34 -36.08
C LEU A 82 4.61 5.60 -36.93
N LEU A 83 4.36 5.44 -38.22
CA LEU A 83 4.21 6.55 -39.16
C LEU A 83 3.05 7.46 -38.72
N GLU A 84 1.93 6.87 -38.35
CA GLU A 84 0.75 7.62 -37.87
C GLU A 84 0.97 8.29 -36.51
N THR A 85 1.79 7.68 -35.63
CA THR A 85 2.22 8.30 -34.37
C THR A 85 3.13 9.49 -34.62
N ILE A 86 4.11 9.37 -35.50
CA ILE A 86 4.95 10.49 -35.87
C ILE A 86 4.09 11.59 -36.48
N GLU A 87 3.18 11.25 -37.40
CA GLU A 87 2.21 12.21 -37.93
C GLU A 87 1.46 12.92 -36.79
N SER A 88 0.93 12.18 -35.81
CA SER A 88 0.19 12.80 -34.71
C SER A 88 1.07 13.76 -33.89
N SER A 89 2.36 13.46 -33.76
CA SER A 89 3.28 14.31 -33.02
C SER A 89 3.72 15.52 -33.82
N GLU A 90 3.83 15.41 -35.14
CA GLU A 90 4.14 16.54 -36.00
C GLU A 90 2.95 17.50 -36.16
N ARG A 91 1.73 16.98 -36.27
CA ARG A 91 0.55 17.79 -36.62
C ARG A 91 0.34 18.99 -35.70
N HIS A 92 0.44 18.80 -34.39
CA HIS A 92 0.17 19.87 -33.43
C HIS A 92 1.33 20.87 -33.24
N LYS A 93 2.43 20.71 -33.99
CA LYS A 93 3.61 21.60 -33.93
C LYS A 93 4.13 22.06 -35.31
N GLY A 94 3.41 21.78 -36.39
CA GLY A 94 3.52 22.47 -37.67
C GLY A 94 4.80 22.24 -38.49
N LYS A 95 5.62 21.24 -38.16
CA LYS A 95 6.91 21.01 -38.83
C LYS A 95 7.36 19.54 -38.81
N LYS A 96 8.27 19.17 -39.73
CA LYS A 96 8.94 17.86 -39.74
C LYS A 96 9.76 17.66 -38.46
N ILE A 97 9.73 16.48 -37.84
CA ILE A 97 10.72 16.12 -36.81
C ILE A 97 12.02 15.74 -37.51
N ASN A 98 13.12 16.43 -37.19
CA ASN A 98 14.42 16.18 -37.79
C ASN A 98 15.09 14.93 -37.19
N ALA A 99 14.75 13.78 -37.78
CA ALA A 99 15.49 12.54 -37.64
C ALA A 99 15.83 12.00 -39.03
N ASP A 100 17.00 11.39 -39.17
CA ASP A 100 17.53 10.93 -40.43
C ASP A 100 16.97 9.56 -40.85
N ILE A 101 16.72 8.65 -39.89
CA ILE A 101 16.17 7.31 -40.15
C ILE A 101 15.04 6.97 -39.17
N ILE A 102 13.97 6.37 -39.69
CA ILE A 102 12.80 5.89 -38.95
C ILE A 102 12.68 4.37 -39.11
N THR A 103 12.63 3.63 -38.00
CA THR A 103 12.65 2.15 -38.01
C THR A 103 12.16 1.53 -36.70
N PHE A 104 11.99 0.21 -36.64
CA PHE A 104 11.75 -0.50 -35.37
C PHE A 104 13.06 -0.85 -34.67
N ARG A 105 13.04 -0.84 -33.34
CA ARG A 105 14.16 -1.26 -32.48
C ARG A 105 14.69 -2.64 -32.84
N GLY A 106 13.81 -3.57 -33.21
CA GLY A 106 14.22 -4.92 -33.63
C GLY A 106 15.14 -4.91 -34.85
N ILE A 107 14.84 -4.03 -35.83
CA ILE A 107 15.68 -3.86 -37.02
C ILE A 107 17.04 -3.32 -36.60
N ALA A 108 17.07 -2.29 -35.76
CA ALA A 108 18.32 -1.73 -35.26
C ALA A 108 19.14 -2.76 -34.47
N ARG A 109 18.52 -3.56 -33.60
CA ARG A 109 19.21 -4.64 -32.88
C ARG A 109 19.76 -5.68 -33.83
N LYS A 110 19.00 -6.06 -34.85
CA LYS A 110 19.45 -6.98 -35.89
C LYS A 110 20.70 -6.43 -36.58
N LEU A 111 20.65 -5.19 -37.05
CA LEU A 111 21.79 -4.55 -37.70
C LEU A 111 23.02 -4.54 -36.79
N ILE A 112 22.92 -4.03 -35.57
CA ILE A 112 24.10 -3.94 -34.69
C ILE A 112 24.64 -5.32 -34.32
N SER A 113 23.80 -6.34 -34.20
CA SER A 113 24.26 -7.69 -33.90
C SER A 113 25.08 -8.34 -35.01
N CYS A 114 25.04 -7.79 -36.23
CA CYS A 114 25.80 -8.33 -37.36
C CYS A 114 27.31 -8.33 -37.09
N ALA A 115 27.80 -7.39 -36.30
CA ALA A 115 29.20 -7.32 -35.90
C ALA A 115 29.66 -8.49 -35.01
N PHE A 116 28.75 -9.35 -34.53
CA PHE A 116 29.05 -10.37 -33.52
C PHE A 116 28.49 -11.76 -33.83
N ASP A 117 27.28 -11.84 -34.38
CA ASP A 117 26.59 -13.11 -34.63
C ASP A 117 26.65 -13.52 -36.11
N SER A 118 27.01 -14.77 -36.39
CA SER A 118 26.98 -15.37 -37.73
C SER A 118 25.55 -15.43 -38.29
N PRO A 119 25.32 -15.20 -39.59
CA PRO A 119 23.99 -14.91 -40.14
C PRO A 119 22.98 -16.03 -39.93
N SER A 120 23.42 -17.30 -39.94
CA SER A 120 22.57 -18.46 -39.65
C SER A 120 22.08 -18.47 -38.21
N PHE A 121 22.98 -18.41 -37.23
CA PHE A 121 22.65 -18.34 -35.80
C PHE A 121 21.90 -17.05 -35.42
N ASN A 122 22.19 -15.96 -36.12
CA ASN A 122 21.48 -14.69 -35.98
C ASN A 122 20.06 -14.76 -36.59
N THR A 123 19.82 -15.68 -37.52
CA THR A 123 18.66 -15.65 -38.41
C THR A 123 18.51 -14.31 -39.14
N VAL A 124 19.62 -13.72 -39.59
CA VAL A 124 19.65 -12.37 -40.15
C VAL A 124 18.79 -12.27 -41.42
N ASP A 125 17.68 -11.56 -41.34
CA ASP A 125 16.65 -11.52 -42.38
C ASP A 125 16.99 -10.62 -43.58
N LEU A 126 16.21 -10.73 -44.66
CA LEU A 126 16.16 -9.69 -45.68
C LEU A 126 15.55 -8.40 -45.12
N ARG A 127 16.08 -7.25 -45.54
CA ARG A 127 15.63 -5.92 -45.11
C ARG A 127 15.39 -5.04 -46.33
N ILE A 128 14.51 -4.07 -46.20
CA ILE A 128 14.09 -3.18 -47.29
C ILE A 128 14.12 -1.74 -46.78
N VAL A 129 14.62 -0.83 -47.61
CA VAL A 129 14.86 0.57 -47.28
C VAL A 129 14.20 1.45 -48.31
N SER A 130 13.70 2.62 -47.94
CA SER A 130 13.25 3.64 -48.89
C SER A 130 13.43 5.03 -48.31
N PHE A 131 13.38 6.07 -49.13
CA PHE A 131 13.44 7.46 -48.69
C PHE A 131 12.22 8.26 -49.15
N ASN A 132 11.89 9.35 -48.45
CA ASN A 132 10.95 10.37 -48.94
C ASN A 132 11.56 11.78 -48.89
N GLY A 133 12.11 12.15 -47.74
CA GLY A 133 13.17 13.17 -47.56
C GLY A 133 14.12 12.79 -46.41
N GLN A 134 13.91 11.61 -45.84
CA GLN A 134 14.54 10.92 -44.71
C GLN A 134 14.45 9.42 -45.02
N LEU A 135 15.23 8.56 -44.36
CA LEU A 135 15.19 7.11 -44.58
C LEU A 135 14.13 6.39 -43.72
N PHE A 136 13.59 5.31 -44.28
CA PHE A 136 12.62 4.40 -43.67
C PHE A 136 13.07 2.97 -43.90
N ILE A 137 12.99 2.08 -42.90
CA ILE A 137 13.47 0.70 -43.01
C ILE A 137 12.43 -0.30 -42.50
N LYS A 138 12.23 -1.40 -43.22
CA LYS A 138 11.30 -2.49 -42.88
C LYS A 138 12.01 -3.85 -42.98
N GLU A 139 11.69 -4.76 -42.08
CA GLU A 139 12.11 -6.16 -42.14
C GLU A 139 11.19 -6.97 -43.06
N VAL A 140 11.74 -7.84 -43.91
CA VAL A 140 10.94 -8.78 -44.70
C VAL A 140 10.50 -9.95 -43.83
N PRO A 141 9.19 -10.24 -43.69
CA PRO A 141 8.73 -11.35 -42.85
C PRO A 141 9.31 -12.70 -43.28
N GLU A 142 9.70 -13.53 -42.33
CA GLU A 142 10.18 -14.90 -42.58
C GLU A 142 9.10 -15.79 -43.21
N ASN A 160 8.43 -28.25 -30.63
CA ASN A 160 9.20 -28.12 -29.39
C ASN A 160 9.74 -26.69 -29.21
N GLN A 161 10.34 -26.11 -30.24
CA GLN A 161 10.83 -24.73 -30.20
C GLN A 161 9.70 -23.72 -29.98
N ASP A 162 8.50 -24.02 -30.48
CA ASP A 162 7.29 -23.24 -30.23
C ASP A 162 6.84 -23.29 -28.76
N LEU A 163 7.12 -24.36 -28.01
CA LEU A 163 6.88 -24.37 -26.57
C LEU A 163 7.87 -23.46 -25.83
N ASN A 164 9.12 -23.38 -26.30
CA ASN A 164 10.07 -22.41 -25.79
C ASN A 164 9.62 -20.98 -26.09
N VAL A 165 9.01 -20.73 -27.25
CA VAL A 165 8.39 -19.43 -27.56
C VAL A 165 7.23 -19.14 -26.62
N PHE A 166 6.32 -20.10 -26.42
CA PHE A 166 5.19 -19.91 -25.52
C PHE A 166 5.60 -19.60 -24.09
N THR A 167 6.67 -20.24 -23.62
CA THR A 167 7.19 -20.07 -22.27
C THR A 167 7.37 -18.60 -21.92
N GLY A 168 8.01 -17.81 -22.79
CA GLY A 168 8.22 -16.39 -22.56
C GLY A 168 6.89 -15.65 -22.40
N TYR A 169 5.93 -15.91 -23.29
CA TYR A 169 4.64 -15.25 -23.21
C TYR A 169 3.86 -15.63 -21.95
N LYS A 170 3.93 -16.88 -21.49
CA LYS A 170 3.31 -17.22 -20.22
C LYS A 170 4.01 -16.51 -19.07
N PHE A 171 5.33 -16.55 -19.01
CA PHE A 171 6.10 -15.91 -17.95
C PHE A 171 5.79 -14.41 -17.88
N GLU A 172 5.72 -13.72 -19.01
CA GLU A 172 5.30 -12.32 -19.04
C GLU A 172 3.85 -12.13 -18.60
N THR A 173 2.96 -13.10 -18.86
CA THR A 173 1.56 -13.01 -18.42
C THR A 173 1.43 -13.24 -16.91
N LEU A 174 2.13 -14.21 -16.35
CA LEU A 174 2.14 -14.46 -14.91
C LEU A 174 2.73 -13.30 -14.11
N ALA A 175 3.76 -12.65 -14.62
CA ALA A 175 4.46 -11.61 -13.86
C ALA A 175 3.77 -10.23 -13.87
N THR A 176 2.61 -10.07 -14.50
CA THR A 176 2.01 -8.75 -14.74
C THR A 176 0.50 -8.71 -14.53
N LEU A 177 -0.08 -7.52 -14.57
CA LEU A 177 -1.50 -7.25 -14.49
C LEU A 177 -1.91 -6.30 -15.62
N SER A 178 -3.16 -6.39 -16.06
CA SER A 178 -3.67 -5.51 -17.12
C SER A 178 -3.91 -4.07 -16.66
N ASN A 179 -3.97 -3.82 -15.36
CA ASN A 179 -4.22 -2.51 -14.73
C ASN A 179 -3.35 -2.38 -13.47
N PRO A 180 -3.18 -1.17 -12.90
CA PRO A 180 -2.37 -0.98 -11.70
C PRO A 180 -2.76 -1.92 -10.56
N LEU A 181 -1.79 -2.38 -9.78
CA LEU A 181 -2.04 -3.29 -8.67
C LEU A 181 -3.06 -2.71 -7.70
N GLN A 182 -2.94 -1.42 -7.40
CA GLN A 182 -3.85 -0.71 -6.51
C GLN A 182 -5.30 -0.85 -6.96
N TYR A 183 -5.57 -0.73 -8.27
CA TYR A 183 -6.92 -0.76 -8.81
C TYR A 183 -7.42 -2.18 -9.14
N THR A 184 -6.55 -3.18 -9.12
CA THR A 184 -6.94 -4.56 -9.45
C THR A 184 -7.76 -5.20 -8.32
N PRO A 185 -8.96 -5.76 -8.58
CA PRO A 185 -9.72 -6.49 -7.56
C PRO A 185 -9.13 -7.88 -7.34
N ARG A 186 -9.20 -8.41 -6.12
CA ARG A 186 -8.41 -9.57 -5.70
C ARG A 186 -8.68 -10.84 -6.50
N GLU A 187 -9.90 -11.02 -7.00
CA GLU A 187 -10.23 -12.17 -7.84
C GLU A 187 -9.36 -12.25 -9.10
N VAL A 188 -9.00 -11.11 -9.69
CA VAL A 188 -8.18 -11.07 -10.91
C VAL A 188 -6.77 -11.55 -10.63
N ILE A 189 -6.24 -11.35 -9.42
CA ILE A 189 -4.94 -11.89 -9.03
C ILE A 189 -5.04 -13.40 -8.83
N GLU A 190 -6.07 -13.90 -8.14
CA GLU A 190 -6.22 -15.33 -7.88
C GLU A 190 -6.43 -16.15 -9.15
N LYS A 191 -7.16 -15.63 -10.14
CA LYS A 191 -7.37 -16.30 -11.43
C LYS A 191 -6.09 -16.44 -12.27
N ARG A 192 -5.06 -15.65 -12.00
CA ARG A 192 -4.01 -15.34 -12.98
C ARG A 192 -3.35 -16.56 -13.60
N THR A 193 -3.04 -17.58 -12.81
CA THR A 193 -2.35 -18.78 -13.32
C THR A 193 -3.14 -19.51 -14.40
N LYS A 194 -4.48 -19.46 -14.37
CA LYS A 194 -5.34 -20.13 -15.34
C LYS A 194 -5.56 -19.33 -16.63
N ARG A 195 -5.25 -18.03 -16.63
CA ARG A 195 -5.64 -17.10 -17.71
C ARG A 195 -5.08 -17.54 -19.06
N ILE A 196 -5.84 -17.35 -20.13
CA ILE A 196 -5.35 -17.57 -21.49
C ILE A 196 -4.14 -16.67 -21.78
N VAL A 197 -3.24 -17.18 -22.61
CA VAL A 197 -2.03 -16.48 -23.05
C VAL A 197 -2.16 -16.17 -24.53
N SER A 198 -1.68 -15.02 -24.97
CA SER A 198 -1.81 -14.58 -26.36
C SER A 198 -0.64 -13.73 -26.81
N HIS A 199 -0.41 -13.66 -28.12
CA HIS A 199 0.68 -12.89 -28.73
C HIS A 199 0.19 -12.12 -29.96
N GLY A 200 0.84 -11.01 -30.28
CA GLY A 200 0.36 -10.04 -31.25
C GLY A 200 -0.66 -9.09 -30.63
N ASP A 201 -0.33 -8.46 -29.50
CA ASP A 201 -1.24 -7.58 -28.78
C ASP A 201 -0.48 -6.49 -27.99
N GLU A 202 0.42 -5.79 -28.67
CA GLU A 202 1.52 -5.03 -28.04
C GLU A 202 1.14 -3.63 -27.56
N TYR A 203 1.99 -3.08 -26.68
CA TYR A 203 2.15 -1.64 -26.47
C TYR A 203 3.54 -1.22 -26.92
N ILE A 204 3.61 -0.23 -27.81
CA ILE A 204 4.83 0.19 -28.48
C ILE A 204 5.05 1.69 -28.26
N SER A 205 6.21 2.03 -27.70
CA SER A 205 6.65 3.41 -27.50
C SER A 205 7.44 3.90 -28.72
N VAL A 206 7.40 5.20 -28.99
CA VAL A 206 8.15 5.84 -30.07
C VAL A 206 9.25 6.72 -29.49
N VAL A 207 10.50 6.37 -29.76
CA VAL A 207 11.66 6.92 -29.07
C VAL A 207 12.56 7.67 -30.04
N ARG A 208 12.80 8.96 -29.81
CA ARG A 208 13.83 9.73 -30.50
C ARG A 208 15.19 9.42 -29.89
N THR A 209 16.21 9.23 -30.71
CA THR A 209 17.56 8.89 -30.24
C THR A 209 18.62 9.31 -31.27
N GLY A 210 19.90 9.04 -31.04
CA GLY A 210 20.96 9.38 -32.00
C GLY A 210 22.31 8.75 -31.68
N VAL A 211 23.16 8.56 -32.69
CA VAL A 211 24.54 8.09 -32.51
C VAL A 211 25.47 8.91 -33.39
N GLY A 212 26.61 9.35 -32.84
CA GLY A 212 27.40 10.38 -33.49
C GLY A 212 26.55 11.59 -33.86
N ASN A 213 26.71 12.10 -35.07
CA ASN A 213 25.88 13.16 -35.65
C ASN A 213 24.66 12.64 -36.44
N CYS A 214 24.16 11.44 -36.12
CA CYS A 214 23.06 10.78 -36.80
C CYS A 214 21.84 10.68 -35.88
N LYS A 215 20.67 11.18 -36.29
CA LYS A 215 19.46 11.28 -35.46
C LYS A 215 18.39 10.31 -35.92
N LEU A 216 17.65 9.71 -35.01
CA LEU A 216 16.81 8.53 -35.27
C LEU A 216 15.46 8.60 -34.58
N ILE A 217 14.51 7.83 -35.11
CA ILE A 217 13.30 7.45 -34.38
C ILE A 217 13.16 5.92 -34.39
N LEU A 218 13.05 5.32 -33.21
CA LEU A 218 12.85 3.89 -33.02
C LEU A 218 11.46 3.61 -32.43
N GLY A 219 10.67 2.78 -33.10
CA GLY A 219 9.52 2.14 -32.48
C GLY A 219 9.96 0.94 -31.64
N ALA A 220 9.54 0.86 -30.38
CA ALA A 220 9.94 -0.21 -29.48
C ALA A 220 8.77 -0.76 -28.65
N GLU A 221 8.55 -2.07 -28.73
CA GLU A 221 7.68 -2.79 -27.82
C GLU A 221 8.22 -2.72 -26.40
N VAL A 222 7.36 -2.50 -25.41
CA VAL A 222 7.75 -2.62 -23.99
C VAL A 222 6.75 -3.47 -23.22
N ASP A 223 7.26 -4.33 -22.34
CA ASP A 223 6.43 -5.33 -21.68
C ASP A 223 5.49 -4.73 -20.65
N CYS A 224 6.05 -3.90 -19.76
CA CYS A 224 5.31 -3.36 -18.62
C CYS A 224 5.95 -2.12 -18.01
N ILE A 225 5.15 -1.38 -17.25
CA ILE A 225 5.57 -0.29 -16.38
C ILE A 225 5.73 -0.76 -14.94
N PHE A 226 6.59 -0.10 -14.17
CA PHE A 226 7.06 -0.61 -12.88
C PHE A 226 6.61 0.20 -11.67
N ASP A 227 6.84 1.52 -11.66
CA ASP A 227 6.36 2.41 -10.60
C ASP A 227 4.92 2.84 -10.87
N PHE A 228 4.74 3.75 -11.82
CA PHE A 228 3.46 4.38 -12.11
C PHE A 228 3.47 5.03 -13.49
N LYS A 229 2.29 5.22 -14.05
CA LYS A 229 2.06 6.09 -15.21
C LYS A 229 2.34 7.54 -14.82
N GLU A 230 2.98 8.29 -15.69
CA GLU A 230 2.90 9.76 -15.68
C GLU A 230 2.14 10.22 -16.92
N ASN A 231 1.09 11.02 -16.74
CA ASN A 231 0.29 11.50 -17.86
C ASN A 231 0.99 12.62 -18.62
N GLY A 232 1.04 12.54 -19.94
CA GLY A 232 1.58 13.60 -20.81
C GLY A 232 3.09 13.83 -20.68
N ARG A 233 3.86 12.83 -20.24
CA ARG A 233 5.31 12.91 -19.97
C ARG A 233 6.04 11.66 -20.42
N ASP A 234 7.36 11.71 -20.55
CA ASP A 234 8.17 10.53 -20.85
C ASP A 234 8.04 9.52 -19.71
N ASN A 235 7.41 8.39 -19.97
CA ASN A 235 7.31 7.30 -18.99
C ASN A 235 8.57 6.42 -19.02
N LEU A 236 9.51 6.74 -19.90
CA LEU A 236 10.62 5.90 -20.32
C LEU A 236 11.46 5.36 -19.15
N LYS A 237 11.65 6.16 -18.10
CA LYS A 237 12.37 5.76 -16.89
C LYS A 237 11.64 4.76 -15.97
N HIS A 238 10.42 4.36 -16.31
CA HIS A 238 9.59 3.43 -15.53
C HIS A 238 9.28 2.11 -16.22
N TYR A 239 9.66 1.91 -17.49
CA TYR A 239 9.46 0.62 -18.17
C TYR A 239 10.44 -0.45 -17.68
N ALA A 240 10.18 -1.70 -18.04
CA ALA A 240 11.14 -2.80 -17.91
C ALA A 240 11.06 -3.75 -19.10
N GLU A 241 12.09 -4.56 -19.35
CA GLU A 241 11.97 -5.78 -20.14
C GLU A 241 11.97 -6.96 -19.17
N LEU A 242 11.03 -7.87 -19.38
CA LEU A 242 10.97 -9.19 -18.76
C LEU A 242 11.36 -10.20 -19.82
N LYS A 243 12.42 -10.97 -19.61
CA LYS A 243 13.03 -11.76 -20.68
C LYS A 243 12.66 -13.24 -20.57
N CYS A 244 12.39 -13.88 -21.70
CA CYS A 244 12.13 -15.33 -21.77
C CYS A 244 13.20 -16.13 -21.05
N THR A 245 12.78 -17.08 -20.25
CA THR A 245 13.58 -17.62 -19.15
C THR A 245 14.52 -18.75 -19.58
N GLN A 246 15.57 -19.01 -18.80
CA GLN A 246 16.42 -20.20 -18.95
C GLN A 246 17.06 -20.63 -17.62
N GLN A 247 17.43 -21.89 -17.46
CA GLN A 247 18.18 -22.40 -16.30
C GLN A 247 19.63 -21.90 -16.31
N VAL A 248 20.23 -21.70 -15.13
CA VAL A 248 21.66 -21.45 -14.95
C VAL A 248 22.13 -22.24 -13.72
N ALA A 249 22.93 -23.28 -13.91
CA ALA A 249 23.33 -24.16 -12.81
C ALA A 249 24.76 -24.72 -12.90
N ASN A 250 25.44 -24.57 -14.03
CA ASN A 250 26.81 -25.00 -14.26
C ASN A 250 27.60 -23.89 -14.96
N ILE A 251 28.93 -23.89 -14.86
CA ILE A 251 29.77 -22.74 -15.21
C ILE A 251 29.56 -22.29 -16.65
N SER A 252 29.53 -23.19 -17.63
CA SER A 252 29.27 -22.83 -19.03
C SER A 252 27.89 -22.18 -19.24
N ASP A 253 26.90 -22.45 -18.38
CA ASP A 253 25.62 -21.76 -18.43
C ASP A 253 25.79 -20.28 -18.20
N THR A 254 26.77 -19.86 -17.40
CA THR A 254 27.01 -18.44 -17.19
C THR A 254 27.37 -17.75 -18.49
N HIS A 255 28.19 -18.37 -19.35
CA HIS A 255 28.55 -17.76 -20.62
C HIS A 255 27.39 -17.78 -21.61
N LYS A 256 26.64 -18.86 -21.66
CA LYS A 256 25.42 -18.94 -22.47
C LYS A 256 24.42 -17.86 -22.04
N PHE A 257 24.25 -17.66 -20.74
CA PHE A 257 23.47 -16.56 -20.20
C PHE A 257 24.07 -15.21 -20.57
N GLU A 258 25.37 -15.02 -20.41
CA GLU A 258 26.02 -13.74 -20.68
C GLU A 258 25.81 -13.28 -22.11
N ARG A 259 25.86 -14.18 -23.09
CA ARG A 259 25.51 -13.85 -24.48
C ARG A 259 24.07 -13.34 -24.59
N LYS A 260 23.12 -14.02 -23.94
CA LYS A 260 21.72 -13.59 -23.93
C LYS A 260 21.57 -12.25 -23.23
N LEU A 261 22.29 -12.04 -22.13
CA LEU A 261 22.28 -10.78 -21.41
C LEU A 261 22.82 -9.65 -22.30
N PHE A 262 23.94 -9.87 -22.99
CA PHE A 262 24.52 -8.90 -23.90
C PHE A 262 23.54 -8.50 -25.01
N ARG A 263 22.87 -9.47 -25.65
CA ARG A 263 21.80 -9.18 -26.61
C ARG A 263 20.68 -8.37 -25.96
N THR A 264 20.34 -8.69 -24.73
CA THR A 264 19.29 -7.98 -23.98
C THR A 264 19.71 -6.55 -23.64
N TRP A 265 20.99 -6.31 -23.39
CA TRP A 265 21.46 -4.97 -23.03
C TRP A 265 21.28 -3.98 -24.17
N LEU A 266 21.67 -4.33 -25.39
CA LEU A 266 21.39 -3.51 -26.59
C LEU A 266 19.90 -3.14 -26.64
N GLN A 267 19.06 -4.16 -26.48
CA GLN A 267 17.64 -4.05 -26.61
C GLN A 267 17.03 -3.05 -25.61
N CYS A 268 17.66 -2.82 -24.47
CA CYS A 268 17.23 -1.75 -23.56
C CYS A 268 17.96 -0.45 -23.82
N PHE A 269 19.28 -0.53 -24.01
CA PHE A 269 20.17 0.62 -24.08
C PHE A 269 19.87 1.53 -25.25
N LEU A 270 19.54 0.97 -26.42
CA LEU A 270 19.24 1.72 -27.65
C LEU A 270 18.06 2.70 -27.50
N VAL A 271 17.24 2.50 -26.46
CA VAL A 271 16.08 3.32 -26.13
C VAL A 271 16.03 3.72 -24.66
N GLY A 272 17.14 3.59 -23.92
CA GLY A 272 17.25 4.08 -22.55
C GLY A 272 16.40 3.37 -21.49
N ILE A 273 15.86 2.18 -21.78
CA ILE A 273 15.07 1.43 -20.79
C ILE A 273 15.97 1.02 -19.62
N PRO A 274 15.56 1.21 -18.37
CA PRO A 274 16.46 1.07 -17.22
C PRO A 274 16.52 -0.31 -16.56
N ARG A 275 15.48 -1.16 -16.67
CA ARG A 275 15.36 -2.41 -15.90
C ARG A 275 15.30 -3.66 -16.77
N ILE A 276 16.16 -4.64 -16.49
CA ILE A 276 16.16 -5.96 -17.11
C ILE A 276 15.86 -7.00 -16.03
N ILE A 277 14.84 -7.83 -16.26
CA ILE A 277 14.42 -8.91 -15.36
C ILE A 277 14.48 -10.25 -16.09
N TYR A 278 15.21 -11.21 -15.52
CA TYR A 278 15.26 -12.59 -15.98
C TYR A 278 14.56 -13.50 -14.99
N GLY A 279 13.64 -14.33 -15.48
CA GLY A 279 13.22 -15.52 -14.76
C GLY A 279 14.12 -16.71 -15.12
N PHE A 280 14.19 -17.69 -14.23
CA PHE A 280 14.99 -18.89 -14.42
C PHE A 280 14.13 -20.13 -14.26
N LYS A 281 14.18 -21.03 -15.24
CA LYS A 281 13.56 -22.36 -15.17
C LYS A 281 14.46 -23.32 -14.41
N ASP A 282 13.90 -24.36 -13.81
CA ASP A 282 14.69 -25.52 -13.39
C ASP A 282 14.93 -26.46 -14.57
N ASP A 283 13.88 -27.13 -14.97
CA ASP A 283 13.78 -28.12 -16.03
C ASP A 283 12.28 -28.31 -16.32
N HIS A 284 11.93 -29.07 -17.35
CA HIS A 284 10.55 -29.10 -17.87
C HIS A 284 10.15 -27.67 -18.21
N TYR A 285 9.20 -27.09 -17.48
CA TYR A 285 8.83 -25.68 -17.56
C TYR A 285 8.61 -25.07 -16.16
N VAL A 286 9.21 -25.67 -15.12
CA VAL A 286 9.07 -25.21 -13.74
C VAL A 286 9.88 -23.95 -13.50
N LEU A 287 9.23 -22.86 -13.08
CA LEU A 287 9.90 -21.61 -12.69
C LEU A 287 10.62 -21.82 -11.35
N LYS A 288 11.89 -21.44 -11.23
CA LYS A 288 12.65 -21.53 -9.97
C LYS A 288 13.00 -20.20 -9.33
N THR A 289 13.46 -19.21 -10.07
CA THR A 289 13.93 -17.95 -9.48
C THR A 289 13.72 -16.77 -10.41
N VAL A 290 13.89 -15.56 -9.90
CA VAL A 290 13.92 -14.32 -10.68
C VAL A 290 15.08 -13.46 -10.20
N GLU A 291 15.74 -12.74 -11.11
CA GLU A 291 16.80 -11.78 -10.79
C GLU A 291 16.60 -10.50 -11.61
N GLU A 292 17.16 -9.39 -11.15
CA GLU A 292 17.02 -8.08 -11.79
C GLU A 292 18.35 -7.34 -11.92
N PHE A 293 18.50 -6.59 -13.00
CA PHE A 293 19.66 -5.77 -13.31
C PHE A 293 19.22 -4.38 -13.80
N SER A 294 19.90 -3.32 -13.37
CA SER A 294 19.86 -2.04 -14.06
C SER A 294 20.66 -2.11 -15.36
N THR A 295 20.17 -1.46 -16.41
CA THR A 295 20.86 -1.34 -17.69
C THR A 295 22.27 -0.77 -17.53
N GLU A 296 22.51 0.04 -16.52
CA GLU A 296 23.85 0.59 -16.27
C GLU A 296 24.83 -0.39 -15.61
N GLU A 297 24.34 -1.46 -14.99
CA GLU A 297 25.24 -2.45 -14.36
C GLU A 297 25.91 -3.32 -15.42
N VAL A 298 25.13 -3.76 -16.42
CA VAL A 298 25.49 -4.91 -17.23
C VAL A 298 26.86 -4.80 -17.90
N PRO A 299 27.27 -3.66 -18.49
CA PRO A 299 28.59 -3.56 -19.09
C PRO A 299 29.71 -3.86 -18.09
N VAL A 300 29.58 -3.36 -16.86
CA VAL A 300 30.56 -3.57 -15.79
C VAL A 300 30.51 -5.00 -15.28
N LEU A 301 29.31 -5.55 -15.11
CA LEU A 301 29.13 -6.93 -14.69
C LEU A 301 29.78 -7.90 -15.69
N LEU A 302 29.60 -7.65 -16.97
CA LEU A 302 30.29 -8.39 -18.02
C LEU A 302 31.81 -8.11 -17.99
N LYS A 303 32.23 -6.87 -17.78
CA LYS A 303 33.64 -6.50 -17.69
C LYS A 303 34.37 -7.25 -16.56
N ASN A 304 33.70 -7.56 -15.46
CA ASN A 304 34.23 -8.42 -14.41
C ASN A 304 34.20 -9.90 -14.79
N ASN A 305 33.03 -10.43 -15.14
CA ASN A 305 32.86 -11.88 -15.21
C ASN A 305 33.30 -12.50 -16.55
N ASN A 306 33.29 -11.77 -17.66
CA ASN A 306 33.66 -12.29 -18.97
C ASN A 306 34.13 -11.17 -19.93
N PRO A 307 35.37 -10.68 -19.78
CA PRO A 307 35.86 -9.47 -20.45
C PRO A 307 35.69 -9.45 -21.97
N GLN A 308 35.89 -10.56 -22.66
CA GLN A 308 35.73 -10.64 -24.11
C GLN A 308 34.30 -10.35 -24.57
N VAL A 309 33.30 -10.63 -23.72
CA VAL A 309 31.92 -10.23 -23.95
C VAL A 309 31.73 -8.77 -23.55
N GLY A 310 32.16 -8.38 -22.35
CA GLY A 310 31.96 -7.01 -21.86
C GLY A 310 32.52 -5.95 -22.79
N SER A 311 33.70 -6.21 -23.34
CA SER A 311 34.38 -5.36 -24.32
C SER A 311 33.50 -5.00 -25.52
N ALA A 312 32.61 -5.90 -25.93
CA ALA A 312 31.79 -5.73 -27.11
C ALA A 312 30.83 -4.53 -27.05
N CYS A 313 30.52 -3.96 -25.88
CA CYS A 313 29.56 -2.86 -25.81
C CYS A 313 30.03 -1.60 -26.56
N LEU A 314 31.22 -1.08 -26.23
CA LEU A 314 31.74 0.09 -26.94
C LEU A 314 32.15 -0.25 -28.38
N GLU A 315 32.52 -1.49 -28.65
CA GLU A 315 32.71 -1.93 -30.04
C GLU A 315 31.39 -1.88 -30.80
N ALA A 316 30.29 -2.32 -30.21
CA ALA A 316 28.96 -2.26 -30.81
C ALA A 316 28.54 -0.81 -31.06
N ILE A 317 28.78 0.10 -30.10
CA ILE A 317 28.47 1.51 -30.27
C ILE A 317 29.31 2.14 -31.39
N LYS A 318 30.62 1.91 -31.41
CA LYS A 318 31.47 2.41 -32.49
C LYS A 318 31.05 1.84 -33.84
N TRP A 319 30.69 0.56 -33.88
CA TRP A 319 30.19 -0.07 -35.09
C TRP A 319 28.87 0.54 -35.54
N TYR A 320 27.96 0.83 -34.62
CA TYR A 320 26.69 1.50 -34.91
C TYR A 320 26.90 2.91 -35.48
N GLY A 321 27.91 3.63 -34.99
CA GLY A 321 28.33 4.88 -35.61
C GLY A 321 28.82 4.70 -37.04
N LEU A 322 29.75 3.76 -37.26
CA LEU A 322 30.26 3.46 -38.60
C LEU A 322 29.13 3.07 -39.56
N LEU A 323 28.21 2.22 -39.11
CA LEU A 323 27.04 1.82 -39.87
C LEU A 323 26.20 3.02 -40.27
N THR A 324 25.76 3.83 -39.32
CA THR A 324 24.81 4.91 -39.62
C THR A 324 25.44 5.96 -40.53
N GLU A 325 26.71 6.30 -40.35
CA GLU A 325 27.43 7.11 -41.33
C GLU A 325 27.50 6.43 -42.69
N TRP A 326 27.75 5.12 -42.72
CA TRP A 326 27.76 4.34 -43.96
C TRP A 326 26.42 4.43 -44.68
N LEU A 327 25.30 4.21 -44.00
CA LEU A 327 23.96 4.36 -44.57
C LEU A 327 23.74 5.77 -45.13
N LEU A 328 24.19 6.78 -44.40
CA LEU A 328 24.09 8.18 -44.81
C LEU A 328 25.14 8.60 -45.85
N LYS A 329 25.93 7.68 -46.39
CA LYS A 329 26.95 7.94 -47.43
C LYS A 329 27.02 6.92 -48.56
N MET A 330 26.41 5.74 -48.42
CA MET A 330 26.29 4.69 -49.44
C MET A 330 25.21 5.03 -50.48
N ILE A 331 25.39 6.20 -51.10
CA ILE A 331 24.48 6.83 -52.08
C ILE A 331 23.00 6.80 -51.64
N PRO A 332 22.68 7.28 -50.42
CA PRO A 332 21.30 7.57 -50.08
C PRO A 332 20.86 8.81 -50.86
N ARG A 333 19.56 9.09 -50.81
CA ARG A 333 19.01 10.39 -51.17
C ARG A 333 18.48 11.08 -49.92
N ASP A 334 18.86 12.33 -49.74
CA ASP A 334 18.28 13.22 -48.74
C ASP A 334 17.67 14.44 -49.45
N GLU A 335 17.03 14.16 -50.58
CA GLU A 335 16.34 15.14 -51.41
C GLU A 335 15.10 15.65 -50.66
N ASP A 336 15.22 16.83 -50.06
CA ASP A 336 14.26 17.29 -49.05
C ASP A 336 12.81 17.58 -49.54
N PRO A 337 12.51 17.94 -50.81
CA PRO A 337 11.12 18.08 -51.23
C PRO A 337 10.47 16.70 -51.36
N HIS A 338 9.53 16.38 -50.48
CA HIS A 338 8.87 15.07 -50.43
C HIS A 338 7.98 14.77 -51.65
N SER A 339 7.77 15.75 -52.53
CA SER A 339 7.18 15.57 -53.87
C SER A 339 8.17 15.03 -54.92
N GLN A 340 9.47 14.93 -54.63
CA GLN A 340 10.47 14.34 -55.52
C GLN A 340 10.29 12.83 -55.72
N ILE A 341 10.80 12.28 -56.82
CA ILE A 341 10.75 10.84 -57.11
C ILE A 341 11.64 10.07 -56.13
N ARG A 342 11.13 8.95 -55.62
CA ARG A 342 11.75 8.18 -54.54
C ARG A 342 12.67 7.06 -55.03
N ALA A 343 13.36 6.42 -54.10
CA ALA A 343 14.24 5.29 -54.32
C ALA A 343 14.07 4.24 -53.21
N PHE A 344 14.48 3.02 -53.50
CA PHE A 344 14.07 1.81 -52.79
C PHE A 344 15.20 0.79 -52.87
N LYS A 345 15.58 0.16 -51.76
CA LYS A 345 16.74 -0.74 -51.73
C LYS A 345 16.49 -2.00 -50.92
N LEU A 346 16.92 -3.12 -51.47
CA LEU A 346 17.13 -4.32 -50.67
C LEU A 346 18.43 -4.18 -49.88
N VAL A 347 18.44 -4.78 -48.69
CA VAL A 347 19.61 -4.88 -47.82
C VAL A 347 19.70 -6.28 -47.23
N PHE A 348 20.91 -6.81 -47.15
CA PHE A 348 21.20 -8.15 -46.63
C PHE A 348 22.50 -8.16 -45.85
N GLU A 349 22.73 -9.18 -45.02
CA GLU A 349 24.05 -9.49 -44.50
C GLU A 349 24.47 -10.90 -44.94
N ASN A 350 25.62 -11.01 -45.60
CA ASN A 350 26.06 -12.19 -46.32
C ASN A 350 27.60 -12.28 -46.34
N ASN A 351 28.15 -13.42 -45.92
CA ASN A 351 29.60 -13.70 -45.99
C ASN A 351 30.47 -12.57 -45.41
N HIS A 352 30.10 -12.05 -44.23
CA HIS A 352 30.78 -10.93 -43.56
C HIS A 352 30.78 -9.61 -44.33
N LEU A 353 29.96 -9.48 -45.38
CA LEU A 353 29.60 -8.20 -45.99
C LEU A 353 28.13 -7.90 -45.70
N ARG A 354 27.83 -6.68 -45.28
CA ARG A 354 26.51 -6.11 -45.54
C ARG A 354 26.43 -5.69 -46.99
N LEU A 355 25.28 -5.86 -47.62
CA LEU A 355 25.04 -5.57 -49.03
C LEU A 355 23.84 -4.64 -49.17
N SER A 356 23.90 -3.67 -50.07
CA SER A 356 22.81 -2.73 -50.36
C SER A 356 22.67 -2.53 -51.86
N GLU A 357 21.44 -2.56 -52.39
CA GLU A 357 21.19 -2.61 -53.83
C GLU A 357 19.88 -1.92 -54.18
N ILE A 358 19.88 -0.99 -55.15
CA ILE A 358 18.64 -0.40 -55.69
C ILE A 358 17.72 -1.49 -56.23
N GLU A 359 16.45 -1.41 -55.86
CA GLU A 359 15.38 -2.20 -56.46
C GLU A 359 14.89 -1.51 -57.73
N GLU A 360 15.35 -2.01 -58.88
CA GLU A 360 15.08 -1.42 -60.19
C GLU A 360 13.58 -1.48 -60.55
N SER A 361 13.05 -0.44 -61.19
CA SER A 361 11.62 -0.39 -61.57
C SER A 361 11.19 -1.48 -62.56
N ASP A 362 12.14 -2.24 -63.12
CA ASP A 362 11.88 -3.46 -63.86
C ASP A 362 11.35 -4.63 -63.00
N GLU A 363 11.52 -4.60 -61.68
CA GLU A 363 11.02 -5.62 -60.76
C GLU A 363 9.69 -5.22 -60.11
N GLU A 364 8.78 -6.18 -59.95
CA GLU A 364 7.43 -5.92 -59.43
C GLU A 364 7.44 -5.30 -58.03
N TYR A 365 8.39 -5.71 -57.18
CA TYR A 365 8.54 -5.20 -55.82
C TYR A 365 8.83 -3.70 -55.83
N SER A 366 9.68 -3.23 -56.76
CA SER A 366 10.00 -1.82 -56.92
C SER A 366 8.75 -1.02 -57.33
N GLY A 367 8.00 -1.50 -58.31
CA GLY A 367 6.73 -0.88 -58.71
C GLY A 367 5.70 -0.84 -57.58
N LEU A 368 5.66 -1.88 -56.74
CA LEU A 368 4.81 -1.92 -55.56
C LEU A 368 5.22 -0.92 -54.49
N ILE A 369 6.49 -0.92 -54.08
CA ILE A 369 7.01 -0.07 -53.00
C ILE A 369 7.00 1.41 -53.42
N ASP A 370 7.19 1.72 -54.69
CA ASP A 370 7.00 3.06 -55.24
C ASP A 370 5.52 3.47 -55.26
N GLY A 371 4.67 2.69 -55.92
CA GLY A 371 3.30 3.08 -56.24
C GLY A 371 2.26 2.81 -55.15
N GLU A 372 2.60 2.07 -54.10
CA GLU A 372 1.61 1.48 -53.18
C GLU A 372 2.05 1.43 -51.72
N HIS A 373 1.08 1.22 -50.84
CA HIS A 373 1.21 1.30 -49.38
C HIS A 373 1.97 0.13 -48.72
N ILE A 374 2.66 -0.70 -49.51
CA ILE A 374 3.36 -1.91 -49.06
C ILE A 374 4.59 -1.63 -48.17
N LEU A 375 5.03 -0.37 -48.12
CA LEU A 375 6.08 0.11 -47.20
C LEU A 375 5.59 1.31 -46.38
N SER A 376 5.27 2.42 -47.04
CA SER A 376 4.82 3.67 -46.40
C SER A 376 3.36 3.96 -46.72
N ASN A 377 2.57 4.25 -45.69
CA ASN A 377 1.13 4.50 -45.80
C ASN A 377 0.79 5.80 -46.53
N GLY A 378 -0.27 5.79 -47.34
CA GLY A 378 -0.81 6.96 -48.03
C GLY A 378 -0.99 8.16 -47.11
N PHE A 379 -1.66 8.02 -45.96
CA PHE A 379 -1.92 9.15 -45.06
C PHE A 379 -0.64 9.88 -44.64
N LYS A 380 0.40 9.11 -44.30
CA LYS A 380 1.74 9.59 -43.99
C LYS A 380 2.37 10.31 -45.18
N GLU A 381 2.30 9.72 -46.37
CA GLU A 381 2.81 10.36 -47.58
C GLU A 381 2.08 11.67 -47.87
N TRP A 382 0.75 11.68 -47.76
CA TRP A 382 -0.03 12.91 -47.95
C TRP A 382 0.37 13.95 -46.90
N ARG A 383 0.45 13.58 -45.62
CA ARG A 383 0.82 14.48 -44.53
C ARG A 383 2.12 15.21 -44.82
N LYS A 384 3.18 14.50 -45.20
CA LYS A 384 4.46 15.17 -45.49
C LYS A 384 4.43 15.95 -46.80
N SER A 385 3.68 15.50 -47.82
CA SER A 385 3.51 16.31 -49.04
C SER A 385 2.79 17.64 -48.76
N LEU A 386 1.97 17.70 -47.70
CA LEU A 386 1.28 18.90 -47.24
C LEU A 386 2.12 19.82 -46.36
N LYS A 387 3.43 19.58 -46.22
CA LYS A 387 4.41 20.44 -45.54
C LYS A 387 4.07 20.80 -44.08
N MET B 1 -2.73 1.81 34.85
CA MET B 1 -2.70 0.45 35.43
C MET B 1 -1.30 -0.13 35.40
N GLY B 2 -1.00 -1.08 36.30
CA GLY B 2 0.29 -1.79 36.34
C GLY B 2 0.52 -2.72 35.13
N VAL B 3 1.77 -3.11 34.89
CA VAL B 3 2.22 -3.82 33.69
C VAL B 3 1.44 -5.12 33.40
N PRO B 4 0.57 -5.16 32.37
CA PRO B 4 -0.29 -6.31 32.11
C PRO B 4 0.50 -7.58 31.83
N SER B 5 -0.05 -8.73 32.23
CA SER B 5 0.50 -10.05 31.92
C SER B 5 0.58 -10.31 30.41
N PHE B 6 -0.18 -9.58 29.60
CA PHE B 6 -0.08 -9.59 28.15
C PHE B 6 1.34 -9.37 27.64
N PHE B 7 2.10 -8.43 28.23
CA PHE B 7 3.50 -8.23 27.83
C PHE B 7 4.38 -9.37 28.28
N ARG B 8 4.07 -10.02 29.40
CA ARG B 8 4.74 -11.25 29.79
C ARG B 8 4.50 -12.39 28.79
N TRP B 9 3.30 -12.50 28.23
CA TRP B 9 3.03 -13.44 27.14
C TRP B 9 3.84 -13.09 25.89
N LEU B 10 3.86 -11.81 25.49
CA LEU B 10 4.70 -11.38 24.37
C LEU B 10 6.16 -11.70 24.59
N SER B 11 6.75 -11.35 25.74
CA SER B 11 8.17 -11.63 25.98
C SER B 11 8.47 -13.12 26.13
N ARG B 12 7.51 -13.93 26.59
CA ARG B 12 7.67 -15.38 26.67
C ARG B 12 7.65 -16.04 25.30
N LYS B 13 6.74 -15.67 24.40
CA LYS B 13 6.65 -16.26 23.06
C LYS B 13 7.60 -15.64 22.05
N TYR B 14 7.76 -14.32 22.06
CA TYR B 14 8.38 -13.54 20.96
C TYR B 14 9.50 -12.58 21.41
N PRO B 15 10.49 -13.03 22.20
CA PRO B 15 11.38 -12.12 22.92
C PRO B 15 12.14 -11.15 22.02
N LYS B 16 12.48 -11.55 20.79
CA LYS B 16 13.28 -10.73 19.87
C LYS B 16 12.53 -9.56 19.24
N ILE B 17 11.24 -9.37 19.50
CA ILE B 17 10.51 -8.18 19.00
C ILE B 17 10.95 -6.89 19.70
N ILE B 18 11.29 -6.98 20.99
CA ILE B 18 11.62 -5.82 21.82
C ILE B 18 13.05 -5.35 21.56
N SER B 19 13.27 -4.04 21.52
CA SER B 19 14.61 -3.45 21.68
C SER B 19 14.55 -2.11 22.40
N PRO B 20 15.53 -1.75 23.23
CA PRO B 20 15.56 -0.46 23.91
C PRO B 20 15.63 0.71 22.94
N VAL B 21 15.00 1.84 23.26
CA VAL B 21 15.25 3.10 22.53
C VAL B 21 16.62 3.63 22.92
N LEU B 22 17.56 3.67 21.98
CA LEU B 22 18.81 4.41 22.16
C LEU B 22 18.53 5.90 22.30
N GLU B 23 19.13 6.57 23.28
CA GLU B 23 18.83 7.96 23.63
C GLU B 23 20.09 8.78 23.95
N GLU B 24 20.01 10.11 23.84
CA GLU B 24 21.15 11.01 23.79
C GLU B 24 21.17 12.02 24.94
N GLN B 25 22.30 12.12 25.63
CA GLN B 25 22.61 13.10 26.69
C GLN B 25 21.40 13.46 27.58
N PRO B 35 20.74 20.26 21.10
CA PRO B 35 19.33 19.99 20.88
C PRO B 35 18.94 19.95 19.38
N LEU B 36 19.92 19.92 18.48
CA LEU B 36 19.71 20.00 17.03
C LEU B 36 18.92 18.80 16.48
N ASP B 37 17.82 19.07 15.79
CA ASP B 37 16.88 18.05 15.34
C ASP B 37 17.44 17.10 14.27
N TYR B 38 18.09 17.62 13.23
CA TYR B 38 18.25 16.87 11.99
C TYR B 38 19.41 15.84 11.97
N SER B 39 20.24 15.78 13.01
CA SER B 39 21.35 14.84 13.09
C SER B 39 20.92 13.37 13.16
N ALA B 40 21.65 12.48 12.50
CA ALA B 40 21.29 11.06 12.38
C ALA B 40 21.10 10.39 13.76
N SER B 41 19.98 9.69 13.93
CA SER B 41 19.57 9.09 15.19
C SER B 41 20.22 7.73 15.44
N ASN B 42 20.38 7.37 16.71
CA ASN B 42 21.04 6.13 17.12
C ASN B 42 20.31 4.79 16.89
N PRO B 43 18.96 4.68 16.85
CA PRO B 43 18.26 3.39 16.98
C PRO B 43 18.18 2.60 15.67
N ASN B 44 19.30 2.44 14.97
CA ASN B 44 19.47 1.60 13.78
C ASN B 44 18.55 1.89 12.59
N GLY B 45 17.99 3.09 12.48
CA GLY B 45 17.20 3.54 11.33
C GLY B 45 16.63 4.94 11.48
N GLU B 46 16.02 5.46 10.42
CA GLU B 46 15.36 6.76 10.35
C GLU B 46 13.88 6.59 9.96
N LEU B 47 12.99 7.43 10.48
CA LEU B 47 11.55 7.28 10.27
C LEU B 47 11.05 8.29 9.25
N ASP B 48 10.36 7.84 8.21
CA ASP B 48 9.67 8.77 7.32
C ASP B 48 8.43 9.38 7.99
N ASN B 49 7.61 8.55 8.63
CA ASN B 49 6.30 8.92 9.15
C ASN B 49 6.15 8.57 10.63
N LEU B 50 5.40 9.40 11.39
CA LEU B 50 5.05 9.15 12.79
C LEU B 50 3.58 9.44 13.09
N TYR B 51 2.95 8.54 13.86
CA TYR B 51 1.54 8.58 14.24
C TYR B 51 1.38 8.62 15.77
N LEU B 52 0.61 9.57 16.30
CA LEU B 52 0.44 9.75 17.74
C LEU B 52 -0.97 9.35 18.22
N ASP B 53 -1.07 8.37 19.12
CA ASP B 53 -2.28 8.12 19.91
C ASP B 53 -2.41 9.17 21.03
N MET B 54 -2.89 10.36 20.70
CA MET B 54 -2.73 11.55 21.55
C MET B 54 -3.41 11.46 22.93
N ASN B 55 -4.52 10.74 23.04
CA ASN B 55 -5.14 10.43 24.33
C ASN B 55 -4.14 9.73 25.27
N GLY B 56 -3.23 8.93 24.70
CA GLY B 56 -2.11 8.28 25.37
C GLY B 56 -1.03 9.23 25.90
N ILE B 57 -1.22 10.55 25.82
CA ILE B 57 -0.51 11.51 26.66
C ILE B 57 -1.45 12.46 27.40
N VAL B 58 -2.61 12.81 26.83
CA VAL B 58 -3.60 13.66 27.50
C VAL B 58 -4.07 13.03 28.82
N HIS B 59 -4.27 11.72 28.85
CA HIS B 59 -4.67 11.02 30.09
C HIS B 59 -3.54 10.96 31.14
N PRO B 60 -2.32 10.48 30.85
CA PRO B 60 -1.20 10.54 31.78
C PRO B 60 -0.87 11.95 32.30
N CYS B 61 -1.14 13.00 31.52
CA CYS B 61 -1.05 14.39 31.99
C CYS B 61 -2.18 14.77 32.95
N SER B 62 -3.44 14.49 32.63
CA SER B 62 -4.59 14.84 33.45
C SER B 62 -4.76 14.00 34.73
N HIS B 63 -4.15 12.81 34.79
CA HIS B 63 -4.24 11.89 35.94
C HIS B 63 -3.03 10.94 35.99
N PRO B 64 -1.85 11.43 36.38
CA PRO B 64 -0.62 10.64 36.38
C PRO B 64 -0.64 9.49 37.41
N GLU B 65 0.12 8.43 37.13
CA GLU B 65 0.45 7.39 38.10
C GLU B 65 1.49 7.85 39.14
N ASN B 66 2.37 8.80 38.77
CA ASN B 66 3.19 9.55 39.72
C ASN B 66 2.32 10.48 40.60
N LYS B 67 2.73 10.74 41.83
CA LYS B 67 1.88 11.39 42.82
C LYS B 67 1.40 12.81 42.46
N PRO B 68 2.26 13.77 42.05
CA PRO B 68 1.84 15.14 41.79
C PRO B 68 1.00 15.27 40.50
N PRO B 69 -0.27 15.71 40.56
CA PRO B 69 -0.99 16.17 39.38
C PRO B 69 -0.52 17.58 39.00
N PRO B 70 -0.62 17.98 37.72
CA PRO B 70 -0.56 19.38 37.34
C PRO B 70 -1.79 20.12 37.87
N GLU B 71 -1.64 21.37 38.31
CA GLU B 71 -2.66 22.10 39.05
C GLU B 71 -3.71 22.81 38.19
N THR B 72 -3.42 23.10 36.92
CA THR B 72 -4.29 23.87 36.03
C THR B 72 -4.23 23.37 34.58
N GLU B 73 -5.23 23.72 33.78
CA GLU B 73 -5.25 23.40 32.35
C GLU B 73 -3.98 23.90 31.64
N ASP B 74 -3.51 25.09 32.00
CA ASP B 74 -2.27 25.65 31.46
C ASP B 74 -1.07 24.75 31.79
N GLU B 75 -0.97 24.28 33.02
CA GLU B 75 0.11 23.38 33.42
C GLU B 75 -0.01 22.00 32.78
N MET B 76 -1.22 21.49 32.58
CA MET B 76 -1.47 20.25 31.85
C MET B 76 -0.99 20.38 30.40
N LEU B 77 -1.31 21.48 29.73
CA LEU B 77 -0.86 21.74 28.36
C LEU B 77 0.66 21.91 28.29
N LEU B 78 1.26 22.60 29.26
CA LEU B 78 2.72 22.69 29.37
C LEU B 78 3.36 21.30 29.51
N ALA B 79 2.80 20.43 30.33
CA ALA B 79 3.29 19.07 30.47
C ALA B 79 3.18 18.28 29.15
N VAL B 80 2.08 18.46 28.41
CA VAL B 80 1.91 17.85 27.09
C VAL B 80 2.98 18.31 26.10
N PHE B 81 3.28 19.61 26.06
CA PHE B 81 4.34 20.11 25.20
C PHE B 81 5.71 19.55 25.59
N GLU B 82 6.02 19.46 26.88
CA GLU B 82 7.28 18.86 27.34
C GLU B 82 7.41 17.41 26.86
N TYR B 83 6.36 16.62 27.03
CA TYR B 83 6.40 15.20 26.71
C TYR B 83 6.48 14.95 25.20
N THR B 84 5.67 15.64 24.40
CA THR B 84 5.76 15.52 22.93
C THR B 84 7.14 15.91 22.40
N ASN B 85 7.77 16.93 22.98
CA ASN B 85 9.12 17.31 22.59
C ASN B 85 10.10 16.15 22.80
N ARG B 86 10.01 15.43 23.92
CA ARG B 86 10.80 14.22 24.13
C ARG B 86 10.49 13.16 23.09
N VAL B 87 9.20 12.91 22.80
CA VAL B 87 8.80 11.89 21.81
C VAL B 87 9.39 12.16 20.42
N LEU B 88 9.26 13.38 19.91
CA LEU B 88 9.82 13.71 18.61
C LEU B 88 11.35 13.63 18.60
N ASN B 89 12.03 14.10 19.65
CA ASN B 89 13.48 13.99 19.72
C ASN B 89 13.98 12.53 19.78
N MET B 90 13.17 11.59 20.27
CA MET B 90 13.49 10.16 20.18
C MET B 90 13.29 9.60 18.78
N ALA B 91 12.16 9.91 18.15
CA ALA B 91 11.74 9.24 16.92
C ALA B 91 12.29 9.89 15.63
N ARG B 92 12.40 11.23 15.61
CA ARG B 92 12.85 12.05 14.49
C ARG B 92 12.16 11.71 13.14
N PRO B 93 10.87 12.00 12.97
CA PRO B 93 10.19 11.82 11.70
C PRO B 93 10.76 12.78 10.66
N ARG B 94 11.15 12.28 9.49
CA ARG B 94 11.84 13.06 8.46
C ARG B 94 10.92 13.64 7.39
N LYS B 95 9.70 13.10 7.19
CA LYS B 95 8.80 13.54 6.12
C LYS B 95 7.39 13.91 6.56
N VAL B 96 6.76 13.17 7.49
CA VAL B 96 5.43 13.55 7.99
C VAL B 96 5.11 13.12 9.42
N LEU B 97 4.26 13.89 10.10
CA LEU B 97 3.80 13.64 11.47
C LEU B 97 2.27 13.81 11.59
N VAL B 98 1.57 12.91 12.28
CA VAL B 98 0.09 12.94 12.41
C VAL B 98 -0.36 13.01 13.87
N MET B 99 -1.11 14.05 14.23
CA MET B 99 -1.52 14.28 15.61
C MET B 99 -2.66 13.40 16.10
N ALA B 100 -3.67 13.11 15.26
CA ALA B 100 -4.77 12.18 15.56
C ALA B 100 -5.38 12.30 16.98
N VAL B 101 -5.90 13.47 17.34
CA VAL B 101 -6.67 13.67 18.57
C VAL B 101 -7.94 12.83 18.52
N ASP B 102 -8.35 12.24 19.64
CA ASP B 102 -9.54 11.39 19.66
C ASP B 102 -10.83 12.19 19.45
N GLY B 103 -11.85 11.59 18.83
CA GLY B 103 -13.07 12.28 18.38
C GLY B 103 -14.36 11.49 18.64
N VAL B 104 -15.49 11.97 18.10
CA VAL B 104 -16.79 11.32 18.27
C VAL B 104 -16.73 9.86 17.82
N ALA B 105 -17.16 8.92 18.67
CA ALA B 105 -17.04 7.48 18.41
C ALA B 105 -18.32 6.83 17.84
N PRO B 106 -18.24 5.64 17.22
CA PRO B 106 -19.41 4.83 16.87
C PRO B 106 -20.22 4.41 18.10
N ARG B 107 -21.53 4.13 17.94
CA ARG B 107 -22.39 3.64 19.03
C ARG B 107 -21.81 2.44 19.75
N ALA B 108 -21.27 1.47 19.02
CA ALA B 108 -20.65 0.29 19.65
C ALA B 108 -19.53 0.65 20.62
N LYS B 109 -18.77 1.72 20.35
CA LYS B 109 -17.77 2.23 21.29
C LYS B 109 -18.44 3.06 22.39
N MET B 110 -19.35 3.97 22.05
CA MET B 110 -19.98 4.87 23.01
C MET B 110 -20.64 4.12 24.16
N ASN B 111 -21.40 3.07 23.88
CA ASN B 111 -22.09 2.33 24.92
C ASN B 111 -21.17 1.45 25.77
N GLN B 112 -19.91 1.26 25.38
CA GLN B 112 -18.90 0.68 26.25
C GLN B 112 -18.21 1.78 27.09
N GLN B 113 -17.84 2.90 26.45
CA GLN B 113 -17.19 4.04 27.11
C GLN B 113 -18.08 4.69 28.18
N ARG B 114 -19.37 4.83 27.91
CA ARG B 114 -20.39 5.35 28.82
C ARG B 114 -20.35 4.64 30.18
N ALA B 115 -20.22 3.32 30.21
CA ALA B 115 -20.15 2.57 31.45
C ALA B 115 -18.92 2.96 32.29
N ARG B 116 -17.72 2.99 31.67
CA ARG B 116 -16.50 3.47 32.32
C ARG B 116 -16.63 4.91 32.80
N ARG B 117 -17.30 5.75 32.02
CA ARG B 117 -17.53 7.17 32.35
C ARG B 117 -18.45 7.33 33.56
N PHE B 118 -19.57 6.61 33.61
CA PHE B 118 -20.44 6.57 34.79
C PHE B 118 -19.72 6.00 36.02
N ARG B 119 -18.93 4.92 35.89
CA ARG B 119 -18.19 4.36 37.02
C ARG B 119 -17.19 5.36 37.60
N SER B 120 -16.58 6.21 36.77
CA SER B 120 -15.68 7.27 37.26
C SER B 120 -16.40 8.29 38.15
N ALA B 121 -17.62 8.70 37.82
CA ALA B 121 -18.41 9.61 38.65
C ALA B 121 -18.91 8.94 39.94
N ARG B 122 -19.17 7.64 39.91
CA ARG B 122 -19.40 6.85 41.12
C ARG B 122 -18.17 6.88 42.05
N ASP B 123 -16.97 6.69 41.50
CA ASP B 123 -15.72 6.80 42.25
C ASP B 123 -15.46 8.21 42.77
N ALA B 124 -15.87 9.25 42.05
CA ALA B 124 -15.73 10.64 42.48
C ALA B 124 -16.54 10.97 43.76
N GLN B 125 -17.64 10.26 44.03
CA GLN B 125 -18.37 10.45 45.29
C GLN B 125 -17.57 9.97 46.50
N ILE B 126 -16.81 8.87 46.36
CA ILE B 126 -15.88 8.41 47.37
C ILE B 126 -14.69 9.37 47.53
N GLU B 127 -14.16 9.91 46.43
CA GLU B 127 -13.09 10.90 46.44
C GLU B 127 -13.50 12.24 47.09
N ASN B 128 -14.77 12.64 47.00
CA ASN B 128 -15.35 13.77 47.73
C ASN B 128 -15.59 13.50 49.24
N GLU B 129 -15.27 12.31 49.74
CA GLU B 129 -15.46 11.89 51.13
C GLU B 129 -14.39 10.89 51.58
N SER B 157 -11.68 13.39 35.46
CA SER B 157 -10.99 13.51 34.17
C SER B 157 -11.94 13.48 32.97
N ASN B 158 -13.25 13.41 33.19
CA ASN B 158 -14.26 13.34 32.13
C ASN B 158 -14.24 14.53 31.18
N ALA B 159 -13.55 15.62 31.51
CA ALA B 159 -13.33 16.73 30.59
C ALA B 159 -12.57 16.32 29.32
N ILE B 160 -11.84 15.20 29.28
CA ILE B 160 -11.02 14.81 28.10
C ILE B 160 -11.82 14.21 26.94
N THR B 161 -13.15 14.11 27.01
CA THR B 161 -13.99 13.73 25.85
C THR B 161 -14.07 14.83 24.80
N PRO B 162 -14.37 14.51 23.53
CA PRO B 162 -14.59 15.51 22.48
C PRO B 162 -15.74 16.46 22.83
N GLY B 163 -15.65 17.71 22.35
CA GLY B 163 -16.69 18.74 22.51
C GLY B 163 -16.57 19.63 23.76
N THR B 164 -15.71 19.28 24.73
CA THR B 164 -15.53 20.09 25.95
C THR B 164 -14.68 21.35 25.69
N PRO B 165 -14.82 22.39 26.52
CA PRO B 165 -13.90 23.53 26.50
C PRO B 165 -12.43 23.14 26.66
N PHE B 166 -12.14 22.08 27.43
CA PHE B 166 -10.76 21.61 27.59
C PHE B 166 -10.15 21.10 26.29
N MET B 167 -10.83 20.20 25.58
CA MET B 167 -10.30 19.70 24.31
C MET B 167 -10.25 20.80 23.24
N ASP B 168 -11.20 21.74 23.27
CA ASP B 168 -11.16 22.91 22.40
C ASP B 168 -9.91 23.78 22.67
N LYS B 169 -9.56 23.95 23.95
CA LYS B 169 -8.33 24.65 24.35
C LYS B 169 -7.08 23.91 23.92
N LEU B 170 -7.05 22.59 24.02
CA LEU B 170 -5.99 21.76 23.45
C LEU B 170 -5.87 21.94 21.93
N ALA B 171 -6.98 21.98 21.20
CA ALA B 171 -7.00 22.13 19.75
C ALA B 171 -6.46 23.50 19.28
N ALA B 172 -6.62 24.55 20.06
CA ALA B 172 -5.92 25.81 19.80
C ALA B 172 -4.42 25.68 20.11
N ALA B 173 -4.09 25.08 21.25
CA ALA B 173 -2.72 25.04 21.77
C ALA B 173 -1.76 24.19 20.91
N LEU B 174 -2.14 22.97 20.59
CA LEU B 174 -1.26 22.03 19.91
C LEU B 174 -0.88 22.49 18.50
N ARG B 175 -1.83 23.13 17.78
CA ARG B 175 -1.58 23.78 16.50
C ARG B 175 -0.55 24.90 16.64
N TYR B 176 -0.68 25.73 17.66
CA TYR B 176 0.27 26.80 17.89
C TYR B 176 1.68 26.26 18.14
N TRP B 177 1.81 25.23 18.98
CA TRP B 177 3.10 24.63 19.29
C TRP B 177 3.78 24.02 18.05
N THR B 178 2.98 23.43 17.16
CA THR B 178 3.48 22.92 15.88
C THR B 178 3.94 24.05 14.98
N ALA B 179 3.16 25.13 14.86
CA ALA B 179 3.54 26.27 14.03
C ALA B 179 4.85 26.88 14.53
N PHE B 180 5.00 27.08 15.84
CA PHE B 180 6.24 27.56 16.43
C PHE B 180 7.44 26.69 16.04
N LYS B 181 7.36 25.36 16.13
CA LYS B 181 8.46 24.48 15.72
C LYS B 181 8.80 24.65 14.23
N LEU B 182 7.80 24.56 13.35
CA LEU B 182 8.01 24.68 11.91
C LEU B 182 8.58 26.03 11.50
N ALA B 183 8.23 27.10 12.23
CA ALA B 183 8.73 28.44 11.98
C ALA B 183 10.16 28.65 12.47
N THR B 184 10.59 27.96 13.53
CA THR B 184 11.82 28.32 14.27
C THR B 184 12.90 27.26 14.23
N ASP B 185 12.58 25.99 13.99
CA ASP B 185 13.58 24.92 13.89
C ASP B 185 13.86 24.57 12.42
N PRO B 186 15.08 24.79 11.91
CA PRO B 186 15.40 24.54 10.51
C PRO B 186 15.53 23.05 10.17
N GLY B 187 15.67 22.15 11.15
CA GLY B 187 15.68 20.72 10.87
C GLY B 187 14.36 20.22 10.28
N TRP B 188 13.26 20.91 10.56
CA TRP B 188 11.93 20.61 10.05
C TRP B 188 11.61 21.33 8.73
N LYS B 189 12.56 22.00 8.07
CA LYS B 189 12.27 22.81 6.88
C LYS B 189 11.67 22.01 5.73
N ASN B 190 11.82 20.69 5.73
CA ASN B 190 11.17 19.78 4.78
C ASN B 190 9.94 19.04 5.35
N LEU B 191 9.69 19.05 6.67
CA LEU B 191 8.69 18.22 7.34
C LEU B 191 7.25 18.71 7.13
N GLN B 192 6.30 17.78 7.02
CA GLN B 192 4.87 18.06 6.92
C GLN B 192 4.17 17.62 8.21
N VAL B 193 3.21 18.38 8.73
CA VAL B 193 2.46 17.98 9.94
C VAL B 193 0.96 18.05 9.74
N ILE B 194 0.29 16.97 10.10
CA ILE B 194 -1.13 16.68 9.87
C ILE B 194 -1.86 16.69 11.20
N ILE B 195 -2.90 17.51 11.32
CA ILE B 195 -3.58 17.74 12.60
C ILE B 195 -5.06 17.42 12.48
N SER B 196 -5.53 16.53 13.36
CA SER B 196 -6.88 15.95 13.31
C SER B 196 -7.56 16.04 14.67
N ASP B 197 -7.96 17.26 15.02
CA ASP B 197 -8.55 17.65 16.31
C ASP B 197 -9.79 16.85 16.71
N ALA B 198 -10.19 17.00 17.97
CA ALA B 198 -11.41 16.39 18.50
C ALA B 198 -12.69 16.78 17.74
N THR B 199 -12.73 17.90 17.04
CA THR B 199 -13.91 18.21 16.23
C THR B 199 -14.09 17.23 15.07
N VAL B 200 -13.00 16.69 14.52
CA VAL B 200 -13.08 15.70 13.45
C VAL B 200 -13.57 14.37 14.03
N PRO B 201 -14.67 13.77 13.54
CA PRO B 201 -15.24 12.56 14.11
C PRO B 201 -14.38 11.33 13.81
N GLY B 202 -14.69 10.22 14.47
CA GLY B 202 -13.91 9.00 14.40
C GLY B 202 -12.90 8.89 15.54
N GLU B 203 -12.74 7.67 16.03
CA GLU B 203 -11.75 7.34 17.04
C GLU B 203 -10.34 7.56 16.52
N GLY B 204 -9.40 8.08 17.31
CA GLY B 204 -8.07 8.46 16.81
C GLY B 204 -7.32 7.30 16.15
N GLU B 205 -7.37 6.14 16.78
CA GLU B 205 -6.84 4.88 16.27
C GLU B 205 -7.41 4.51 14.89
N HIS B 206 -8.68 4.80 14.64
CA HIS B 206 -9.32 4.65 13.34
C HIS B 206 -8.90 5.74 12.35
N LYS B 207 -8.76 7.01 12.79
CA LYS B 207 -8.24 8.10 11.93
C LYS B 207 -6.87 7.73 11.35
N ILE B 208 -6.01 7.14 12.18
CA ILE B 208 -4.68 6.69 11.78
C ILE B 208 -4.77 5.62 10.70
N MET B 209 -5.58 4.57 10.89
CA MET B 209 -5.70 3.53 9.87
C MET B 209 -6.20 4.11 8.54
N ASN B 210 -7.19 4.98 8.56
CA ASN B 210 -7.65 5.63 7.34
C ASN B 210 -6.53 6.43 6.67
N PHE B 211 -5.71 7.15 7.44
CA PHE B 211 -4.59 7.84 6.87
C PHE B 211 -3.62 6.87 6.20
N ILE B 212 -3.12 5.87 6.94
CA ILE B 212 -2.15 4.92 6.40
C ILE B 212 -2.67 4.31 5.10
N ARG B 213 -3.92 3.86 5.14
CA ARG B 213 -4.55 3.14 4.05
C ARG B 213 -4.75 4.02 2.82
N SER B 214 -5.14 5.27 3.01
CA SER B 214 -5.29 6.17 1.87
C SER B 214 -3.96 6.61 1.27
N GLN B 215 -2.87 6.70 2.05
CA GLN B 215 -1.53 6.87 1.47
C GLN B 215 -1.13 5.62 0.68
N ARG B 216 -1.31 4.45 1.27
CA ARG B 216 -1.00 3.15 0.66
C ARG B 216 -1.73 2.90 -0.66
N ALA B 217 -2.85 3.54 -0.89
CA ALA B 217 -3.61 3.43 -2.14
C ALA B 217 -3.07 4.29 -3.29
N ASP B 218 -2.16 5.25 -3.06
CA ASP B 218 -1.60 6.09 -4.12
C ASP B 218 -0.65 5.26 -5.01
N PRO B 219 -0.83 5.21 -6.34
CA PRO B 219 0.14 4.56 -7.23
C PRO B 219 1.58 5.01 -7.02
N GLU B 220 1.82 6.25 -6.62
CA GLU B 220 3.15 6.81 -6.41
C GLU B 220 3.74 6.49 -5.04
N TYR B 221 3.01 5.80 -4.16
CA TYR B 221 3.47 5.51 -2.81
C TYR B 221 4.77 4.70 -2.81
N ASN B 222 5.79 5.17 -2.10
CA ASN B 222 7.05 4.45 -1.96
C ASN B 222 6.84 3.20 -1.10
N PRO B 223 7.07 1.99 -1.63
CA PRO B 223 6.82 0.74 -0.92
C PRO B 223 7.62 0.54 0.38
N ASN B 224 8.65 1.36 0.62
CA ASN B 224 9.58 1.18 1.72
C ASN B 224 9.63 2.34 2.72
N THR B 225 8.59 3.18 2.80
CA THR B 225 8.57 4.23 3.84
C THR B 225 8.54 3.61 5.22
N THR B 226 9.42 4.05 6.12
CA THR B 226 9.44 3.58 7.51
C THR B 226 8.40 4.31 8.36
N HIS B 227 7.67 3.56 9.17
CA HIS B 227 6.50 4.03 9.92
C HIS B 227 6.65 3.79 11.41
N CYS B 228 6.11 4.69 12.23
CA CYS B 228 6.06 4.49 13.68
C CYS B 228 4.75 4.94 14.31
N ILE B 229 4.28 4.20 15.31
CA ILE B 229 3.15 4.59 16.17
C ILE B 229 3.64 4.81 17.60
N TYR B 230 3.30 5.94 18.21
CA TYR B 230 3.31 6.08 19.65
C TYR B 230 1.90 5.84 20.17
N GLY B 231 1.76 4.97 21.17
CA GLY B 231 0.49 4.79 21.86
C GLY B 231 0.56 3.70 22.92
N LEU B 232 -0.25 3.83 23.98
CA LEU B 232 -0.18 2.97 25.16
C LEU B 232 -0.88 1.62 24.97
N ASP B 233 -1.80 1.52 24.01
CA ASP B 233 -2.71 0.40 23.86
C ASP B 233 -2.04 -0.88 23.34
N ALA B 234 -2.42 -2.04 23.87
CA ALA B 234 -1.96 -3.34 23.37
C ALA B 234 -2.46 -3.62 21.95
N ASP B 235 -3.63 -3.10 21.58
CA ASP B 235 -4.26 -3.37 20.28
C ASP B 235 -3.39 -2.93 19.10
N LEU B 236 -2.49 -1.97 19.31
CA LEU B 236 -1.65 -1.42 18.26
C LEU B 236 -0.84 -2.49 17.53
N ILE B 237 -0.42 -3.54 18.23
CA ILE B 237 0.29 -4.65 17.62
C ILE B 237 -0.52 -5.27 16.50
N PHE B 238 -1.81 -5.53 16.75
CA PHE B 238 -2.67 -6.15 15.78
C PHE B 238 -2.95 -5.19 14.62
N LEU B 239 -3.11 -3.90 14.91
CA LEU B 239 -3.32 -2.91 13.86
C LEU B 239 -2.09 -2.71 12.99
N GLY B 240 -0.88 -2.78 13.53
CA GLY B 240 0.35 -2.77 12.75
C GLY B 240 0.33 -3.88 11.70
N LEU B 241 0.12 -5.12 12.14
CA LEU B 241 -0.05 -6.25 11.23
C LEU B 241 -1.15 -5.99 10.20
N ALA B 242 -2.30 -5.46 10.62
CA ALA B 242 -3.42 -5.19 9.74
C ALA B 242 -3.15 -4.14 8.64
N THR B 243 -2.06 -3.38 8.69
CA THR B 243 -1.66 -2.56 7.54
C THR B 243 -1.00 -3.37 6.42
N HIS B 244 -0.37 -4.50 6.76
CA HIS B 244 0.61 -5.19 5.91
C HIS B 244 1.75 -4.31 5.39
N GLU B 245 2.12 -3.26 6.11
CA GLU B 245 3.39 -2.56 5.90
C GLU B 245 4.44 -3.13 6.87
N PRO B 246 5.38 -3.98 6.42
CA PRO B 246 6.25 -4.71 7.33
C PRO B 246 7.31 -3.84 8.03
N HIS B 247 7.53 -2.61 7.58
CA HIS B 247 8.48 -1.67 8.19
C HIS B 247 7.95 -0.91 9.42
N PHE B 248 6.84 -1.30 10.03
CA PHE B 248 6.32 -0.64 11.23
C PHE B 248 7.14 -0.90 12.50
N LYS B 249 7.24 0.11 13.35
CA LYS B 249 7.70 -0.01 14.74
C LYS B 249 6.73 0.67 15.70
N ILE B 250 6.50 0.07 16.87
CA ILE B 250 5.64 0.65 17.92
C ILE B 250 6.51 1.17 19.05
N LEU B 251 6.24 2.38 19.51
CA LEU B 251 6.96 3.07 20.59
C LEU B 251 6.15 3.10 21.88
N ARG B 252 6.75 2.64 23.00
CA ARG B 252 6.07 2.47 24.29
C ARG B 252 7.01 2.75 25.48
N GLU B 253 6.46 3.23 26.60
CA GLU B 253 7.09 3.13 27.93
C GLU B 253 6.91 1.73 28.53
N ASP B 254 7.98 1.04 28.94
CA ASP B 254 7.83 -0.13 29.81
C ASP B 254 7.44 0.31 31.23
N VAL B 255 6.33 -0.21 31.76
CA VAL B 255 5.85 0.15 33.10
C VAL B 255 6.84 -0.24 34.20
N PHE B 256 7.63 -1.30 34.01
CA PHE B 256 8.67 -1.68 34.96
C PHE B 256 9.98 -0.91 34.77
N ALA B 257 10.69 -1.15 33.66
CA ALA B 257 12.00 -0.59 33.37
C ALA B 257 12.27 -0.61 31.86
N GLN B 287 13.00 7.31 32.89
CA GLN B 287 11.86 6.86 32.11
C GLN B 287 12.29 6.21 30.77
N PRO B 288 12.68 4.91 30.80
CA PRO B 288 13.03 4.15 29.60
C PRO B 288 11.90 4.03 28.59
N PHE B 289 12.24 3.71 27.34
CA PHE B 289 11.29 3.39 26.28
C PHE B 289 11.77 2.19 25.46
N LEU B 290 10.82 1.49 24.84
CA LEU B 290 11.02 0.29 24.03
C LEU B 290 10.43 0.48 22.63
N TRP B 291 11.13 -0.06 21.63
CA TRP B 291 10.56 -0.39 20.32
C TRP B 291 10.05 -1.83 20.33
N LEU B 292 8.87 -2.06 19.75
CA LEU B 292 8.44 -3.39 19.30
C LEU B 292 8.37 -3.38 17.77
N HIS B 293 9.14 -4.26 17.14
CA HIS B 293 9.27 -4.28 15.68
C HIS B 293 8.27 -5.23 15.03
N ILE B 294 7.32 -4.70 14.27
CA ILE B 294 6.37 -5.52 13.50
C ILE B 294 7.12 -6.38 12.48
N ASN B 295 8.19 -5.83 11.92
CA ASN B 295 9.13 -6.49 11.03
C ASN B 295 9.59 -7.86 11.58
N VAL B 296 9.86 -7.94 12.88
CA VAL B 296 10.28 -9.18 13.55
C VAL B 296 9.08 -10.08 13.88
N LEU B 297 7.93 -9.51 14.23
CA LEU B 297 6.76 -10.30 14.57
C LEU B 297 6.29 -11.15 13.37
N ARG B 298 6.27 -10.57 12.17
CA ARG B 298 5.93 -11.32 10.94
C ARG B 298 6.92 -12.46 10.72
N GLU B 299 8.19 -12.24 11.03
CA GLU B 299 9.22 -13.26 10.98
C GLU B 299 8.91 -14.41 11.95
N TYR B 300 8.52 -14.09 13.19
CA TYR B 300 8.08 -15.10 14.15
C TYR B 300 6.84 -15.86 13.65
N LEU B 301 5.80 -15.15 13.22
CA LEU B 301 4.55 -15.78 12.83
C LEU B 301 4.69 -16.74 11.65
N SER B 302 5.69 -16.53 10.78
CA SER B 302 5.98 -17.44 9.68
C SER B 302 6.19 -18.88 10.13
N ALA B 303 6.84 -19.08 11.27
CA ALA B 303 6.96 -20.40 11.88
C ALA B 303 5.69 -20.79 12.62
N GLU B 304 5.17 -19.91 13.47
CA GLU B 304 4.07 -20.27 14.37
C GLU B 304 2.78 -20.63 13.61
N LEU B 305 2.48 -19.96 12.51
CA LEU B 305 1.25 -20.19 11.73
C LEU B 305 1.37 -21.32 10.70
N TRP B 306 2.49 -22.03 10.59
CA TRP B 306 2.62 -23.08 9.58
C TRP B 306 1.69 -24.27 9.86
N VAL B 307 1.09 -24.81 8.79
CA VAL B 307 0.37 -26.09 8.81
C VAL B 307 0.74 -26.89 7.57
N PRO B 308 1.09 -28.18 7.69
CA PRO B 308 1.41 -29.01 6.53
C PRO B 308 0.15 -29.47 5.79
N GLY B 309 0.26 -29.70 4.48
CA GLY B 309 -0.72 -30.46 3.70
C GLY B 309 -2.05 -29.74 3.39
N LEU B 310 -2.07 -28.41 3.40
CA LEU B 310 -3.29 -27.66 3.08
C LEU B 310 -3.73 -27.88 1.63
N PRO B 311 -5.04 -27.96 1.34
CA PRO B 311 -5.55 -28.19 0.00
C PRO B 311 -5.43 -26.95 -0.88
N PHE B 312 -5.72 -25.78 -0.32
CA PHE B 312 -5.37 -24.49 -0.89
C PHE B 312 -3.92 -24.12 -0.54
N THR B 313 -3.30 -23.26 -1.35
CA THR B 313 -1.91 -22.83 -1.16
C THR B 313 -1.74 -21.95 0.09
N PHE B 314 -0.65 -22.16 0.84
CA PHE B 314 -0.35 -21.34 2.00
C PHE B 314 -0.02 -19.90 1.60
N ASP B 315 -0.41 -18.90 2.38
CA ASP B 315 -0.11 -17.50 2.08
C ASP B 315 -0.04 -16.64 3.34
N LEU B 316 1.13 -16.07 3.64
CA LEU B 316 1.39 -15.51 4.95
C LEU B 316 0.48 -14.33 5.30
N GLU B 317 0.16 -13.44 4.38
CA GLU B 317 -0.75 -12.34 4.66
C GLU B 317 -2.10 -12.82 5.16
N ARG B 318 -2.70 -13.84 4.52
CA ARG B 318 -4.00 -14.36 4.95
C ARG B 318 -3.90 -15.07 6.30
N ALA B 319 -2.85 -15.86 6.52
CA ALA B 319 -2.66 -16.49 7.83
C ALA B 319 -2.57 -15.44 8.94
N ILE B 320 -1.84 -14.35 8.71
CA ILE B 320 -1.74 -13.25 9.66
C ILE B 320 -3.09 -12.57 9.86
N ASP B 321 -3.88 -12.35 8.80
CA ASP B 321 -5.22 -11.79 9.00
C ASP B 321 -6.09 -12.69 9.86
N ASP B 322 -6.07 -14.00 9.64
CA ASP B 322 -6.80 -14.92 10.51
C ASP B 322 -6.31 -14.84 11.95
N TRP B 323 -5.01 -14.78 12.18
CA TRP B 323 -4.49 -14.67 13.54
C TRP B 323 -4.90 -13.38 14.22
N VAL B 324 -4.84 -12.26 13.50
CA VAL B 324 -5.34 -10.97 13.98
C VAL B 324 -6.83 -11.06 14.30
N PHE B 325 -7.61 -11.72 13.44
CA PHE B 325 -9.03 -11.92 13.70
C PHE B 325 -9.25 -12.72 14.99
N MET B 326 -8.52 -13.81 15.23
CA MET B 326 -8.63 -14.56 16.48
C MET B 326 -8.30 -13.70 17.70
N CYS B 327 -7.26 -12.86 17.63
CA CYS B 327 -6.94 -11.95 18.72
C CYS B 327 -8.07 -10.95 19.01
N PHE B 328 -8.69 -10.36 18.00
CA PHE B 328 -9.84 -9.48 18.24
C PHE B 328 -11.08 -10.24 18.69
N PHE B 329 -11.25 -11.49 18.28
CA PHE B 329 -12.38 -12.30 18.68
C PHE B 329 -12.32 -12.65 20.18
N CYS B 330 -11.21 -13.22 20.64
CA CYS B 330 -11.10 -13.68 22.02
C CYS B 330 -10.75 -12.60 23.04
N GLY B 331 -10.87 -11.32 22.69
CA GLY B 331 -10.71 -10.21 23.63
C GLY B 331 -10.86 -8.88 22.93
N ASN B 332 -11.87 -8.09 23.32
CA ASN B 332 -12.43 -7.09 22.44
C ASN B 332 -12.83 -5.81 23.17
N ASP B 333 -12.76 -4.66 22.48
CA ASP B 333 -13.12 -3.36 23.03
C ASP B 333 -14.61 -2.99 22.89
N PHE B 334 -15.38 -3.74 22.11
CA PHE B 334 -16.79 -3.47 21.83
C PHE B 334 -17.70 -4.54 22.43
N LEU B 335 -17.40 -5.82 22.20
CA LEU B 335 -18.24 -6.94 22.62
C LEU B 335 -17.81 -7.50 23.99
N PRO B 336 -18.72 -8.06 24.78
CA PRO B 336 -18.34 -8.86 25.94
C PRO B 336 -17.63 -10.14 25.50
N HIS B 337 -16.68 -10.60 26.31
CA HIS B 337 -15.92 -11.82 26.04
C HIS B 337 -16.79 -13.06 26.22
N LEU B 338 -16.56 -14.12 25.44
CA LEU B 338 -17.23 -15.39 25.72
C LEU B 338 -16.84 -15.87 27.11
N PRO B 339 -17.74 -16.43 27.92
CA PRO B 339 -17.39 -16.83 29.29
C PRO B 339 -16.23 -17.83 29.37
N CYS B 340 -16.06 -18.65 28.33
CA CYS B 340 -14.96 -19.61 28.21
C CYS B 340 -13.58 -18.93 28.02
N LEU B 341 -13.54 -17.74 27.40
CA LEU B 341 -12.34 -17.06 26.92
C LEU B 341 -12.03 -15.83 27.78
N ASP B 342 -11.50 -16.03 28.98
CA ASP B 342 -11.38 -14.96 29.97
C ASP B 342 -10.46 -13.79 29.56
N VAL B 343 -9.22 -14.08 29.17
CA VAL B 343 -8.20 -13.06 28.83
C VAL B 343 -7.29 -13.54 27.70
N ARG B 344 -6.97 -12.65 26.76
CA ARG B 344 -6.18 -12.93 25.54
C ARG B 344 -4.91 -13.75 25.81
N GLU B 345 -4.10 -13.29 26.75
CA GLU B 345 -2.77 -13.83 27.00
C GLU B 345 -2.71 -15.30 27.46
N ASN B 346 -3.85 -15.90 27.82
CA ASN B 346 -3.96 -17.32 28.15
C ASN B 346 -5.06 -17.99 27.33
N SER B 347 -5.41 -17.43 26.17
CA SER B 347 -6.56 -17.81 25.38
C SER B 347 -6.26 -17.95 23.88
N ILE B 348 -5.50 -17.01 23.30
CA ILE B 348 -5.22 -17.00 21.86
C ILE B 348 -4.65 -18.35 21.41
N ASP B 349 -3.70 -18.90 22.17
CA ASP B 349 -3.06 -20.16 21.83
C ASP B 349 -4.06 -21.33 21.71
N ILE B 350 -5.17 -21.28 22.45
CA ILE B 350 -6.21 -22.32 22.40
C ILE B 350 -6.96 -22.25 21.06
N LEU B 351 -7.39 -21.06 20.65
CA LEU B 351 -8.04 -20.90 19.35
C LEU B 351 -7.07 -21.19 18.20
N LEU B 352 -5.81 -20.83 18.37
CA LEU B 352 -4.79 -21.11 17.38
C LEU B 352 -4.59 -22.62 17.21
N ASP B 353 -4.56 -23.39 18.29
CA ASP B 353 -4.54 -24.85 18.20
C ASP B 353 -5.79 -25.39 17.50
N ILE B 354 -6.96 -24.81 17.77
CA ILE B 354 -8.16 -25.18 17.02
C ILE B 354 -7.99 -24.85 15.53
N TRP B 355 -7.51 -23.66 15.17
CA TRP B 355 -7.30 -23.27 13.78
C TRP B 355 -6.31 -24.20 13.09
N LYS B 356 -5.18 -24.54 13.73
CA LYS B 356 -4.22 -25.52 13.22
C LYS B 356 -4.82 -26.91 13.03
N VAL B 357 -5.82 -27.31 13.83
CA VAL B 357 -6.51 -28.59 13.66
C VAL B 357 -7.55 -28.53 12.53
N VAL B 358 -8.31 -27.43 12.42
CA VAL B 358 -9.44 -27.31 11.49
C VAL B 358 -9.02 -26.95 10.07
N LEU B 359 -8.00 -26.11 9.90
CA LEU B 359 -7.62 -25.49 8.63
C LEU B 359 -7.63 -26.44 7.42
N PRO B 360 -7.06 -27.66 7.46
CA PRO B 360 -7.03 -28.53 6.29
C PRO B 360 -8.39 -29.07 5.85
N LYS B 361 -9.46 -28.91 6.63
CA LYS B 361 -10.82 -29.28 6.22
C LYS B 361 -11.58 -28.16 5.50
N LEU B 362 -11.11 -26.93 5.58
CA LEU B 362 -11.80 -25.78 4.99
C LEU B 362 -11.56 -25.69 3.48
N LYS B 363 -12.40 -24.92 2.79
CA LYS B 363 -12.16 -24.56 1.40
C LYS B 363 -11.05 -23.50 1.23
N THR B 364 -10.85 -22.66 2.25
CA THR B 364 -9.92 -21.51 2.26
C THR B 364 -9.54 -21.11 3.68
N TYR B 365 -8.57 -20.20 3.82
CA TYR B 365 -8.44 -19.31 4.98
C TYR B 365 -9.78 -18.65 5.36
N MET B 366 -9.97 -18.29 6.64
CA MET B 366 -11.28 -17.86 7.14
C MET B 366 -11.64 -16.43 6.75
N THR B 367 -10.71 -15.49 6.91
CA THR B 367 -10.91 -14.08 6.57
C THR B 367 -10.43 -13.75 5.16
N CYS B 368 -10.95 -12.67 4.57
CA CYS B 368 -10.50 -12.19 3.27
C CYS B 368 -10.69 -10.68 3.17
N ASP B 369 -9.61 -9.90 3.18
CA ASP B 369 -9.63 -8.44 3.07
C ASP B 369 -10.63 -7.75 4.04
N GLY B 370 -10.80 -8.31 5.24
CA GLY B 370 -11.74 -7.81 6.25
C GLY B 370 -13.15 -8.44 6.24
N VAL B 371 -13.41 -9.43 5.38
CA VAL B 371 -14.69 -10.13 5.29
C VAL B 371 -14.57 -11.55 5.83
N LEU B 372 -15.58 -12.01 6.56
CA LEU B 372 -15.65 -13.35 7.15
C LEU B 372 -16.06 -14.43 6.14
N ASN B 373 -15.85 -15.69 6.51
CA ASN B 373 -16.51 -16.84 5.91
C ASN B 373 -17.27 -17.61 7.01
N LEU B 374 -18.55 -17.28 7.21
CA LEU B 374 -19.35 -17.86 8.29
C LEU B 374 -19.39 -19.40 8.27
N PRO B 375 -19.53 -20.09 7.13
CA PRO B 375 -19.50 -21.55 7.08
C PRO B 375 -18.27 -22.14 7.75
N SER B 376 -17.09 -21.56 7.52
CA SER B 376 -15.86 -22.05 8.14
C SER B 376 -15.85 -21.77 9.64
N VAL B 377 -16.22 -20.55 10.06
CA VAL B 377 -16.13 -20.15 11.48
C VAL B 377 -17.00 -21.02 12.36
N GLU B 378 -18.18 -21.44 11.90
CA GLU B 378 -19.01 -22.40 12.64
C GLU B 378 -18.20 -23.63 13.07
N THR B 379 -17.34 -24.15 12.22
CA THR B 379 -16.60 -25.36 12.54
C THR B 379 -15.63 -25.14 13.70
N LEU B 380 -14.96 -23.98 13.76
CA LEU B 380 -14.10 -23.64 14.89
C LEU B 380 -14.92 -23.50 16.16
N LEU B 381 -16.02 -22.77 16.09
CA LEU B 381 -16.83 -22.56 17.29
C LEU B 381 -17.45 -23.86 17.78
N GLN B 382 -17.81 -24.79 16.90
CA GLN B 382 -18.22 -26.13 17.28
C GLN B 382 -17.09 -26.89 17.99
N HIS B 383 -15.87 -26.84 17.47
CA HIS B 383 -14.73 -27.43 18.17
C HIS B 383 -14.49 -26.78 19.52
N LEU B 384 -14.57 -25.46 19.63
CA LEU B 384 -14.45 -24.79 20.92
C LEU B 384 -15.57 -25.23 21.87
N GLY B 385 -16.80 -25.37 21.38
CA GLY B 385 -17.92 -25.88 22.15
C GLY B 385 -17.61 -27.24 22.76
N SER B 386 -16.96 -28.13 22.00
CA SER B 386 -16.55 -29.43 22.51
C SER B 386 -15.54 -29.36 23.66
N ARG B 387 -14.76 -28.28 23.74
CA ARG B 387 -13.79 -28.02 24.83
C ARG B 387 -14.36 -27.19 25.97
N GLU B 388 -15.42 -26.41 25.73
CA GLU B 388 -15.90 -25.38 26.65
C GLU B 388 -16.14 -25.89 28.07
N GLY B 389 -16.81 -27.03 28.22
CA GLY B 389 -17.06 -27.65 29.51
C GLY B 389 -15.77 -27.94 30.30
N ASP B 390 -14.77 -28.51 29.65
CA ASP B 390 -13.49 -28.84 30.31
C ASP B 390 -12.66 -27.58 30.63
N ILE B 391 -12.80 -26.53 29.83
CA ILE B 391 -12.19 -25.24 30.14
C ILE B 391 -12.79 -24.68 31.43
N PHE B 392 -14.12 -24.73 31.61
CA PHE B 392 -14.72 -24.35 32.90
C PHE B 392 -14.24 -25.22 34.07
N LYS B 393 -14.22 -26.55 33.92
CA LYS B 393 -13.72 -27.46 34.96
C LYS B 393 -12.30 -27.08 35.39
N THR B 394 -11.39 -26.95 34.42
CA THR B 394 -9.99 -26.67 34.68
C THR B 394 -9.79 -25.29 35.33
N ARG B 395 -10.55 -24.27 34.94
CA ARG B 395 -10.49 -22.96 35.64
C ARG B 395 -10.82 -23.09 37.13
N HIS B 396 -11.87 -23.83 37.49
CA HIS B 396 -12.21 -24.02 38.92
C HIS B 396 -11.22 -24.89 39.68
N ILE B 397 -10.65 -25.93 39.04
CA ILE B 397 -9.63 -26.76 39.67
C ILE B 397 -8.37 -25.93 40.02
N GLN B 398 -8.00 -25.00 39.14
CA GLN B 398 -6.83 -24.13 39.30
C GLN B 398 -6.97 -23.07 40.40
N GLU B 399 -8.14 -22.89 41.02
CA GLU B 399 -8.31 -22.01 42.17
C GLU B 399 -7.61 -22.52 43.45
N ALA B 400 -7.23 -23.80 43.49
CA ALA B 400 -6.61 -24.44 44.65
C ALA B 400 -5.31 -23.72 45.09
N PHE B 591 -26.07 -0.95 43.12
CA PHE B 591 -25.49 -1.90 44.07
C PHE B 591 -24.93 -3.18 43.42
N ASP B 592 -24.06 -3.89 44.14
CA ASP B 592 -23.39 -5.09 43.64
C ASP B 592 -24.33 -6.29 43.49
N THR B 593 -24.04 -7.18 42.54
CA THR B 593 -24.89 -8.32 42.15
C THR B 593 -24.10 -9.61 41.83
N ASP B 594 -22.82 -9.69 42.19
CA ASP B 594 -21.82 -10.61 41.63
C ASP B 594 -21.92 -12.11 42.00
N GLU B 595 -22.98 -12.58 42.63
CA GLU B 595 -23.10 -13.97 43.11
C GLU B 595 -23.49 -14.97 42.00
N PHE B 596 -22.58 -15.89 41.65
CA PHE B 596 -22.78 -16.90 40.61
C PHE B 596 -22.29 -18.29 41.03
N VAL B 597 -22.58 -18.68 42.27
CA VAL B 597 -22.14 -19.92 42.91
C VAL B 597 -22.61 -21.21 42.24
N LYS B 598 -23.57 -21.15 41.31
CA LYS B 598 -24.02 -22.28 40.50
C LYS B 598 -23.02 -22.75 39.44
N LEU B 599 -21.96 -21.97 39.16
CA LEU B 599 -20.88 -22.31 38.22
C LEU B 599 -21.45 -22.73 36.84
N PHE B 600 -20.99 -23.83 36.26
CA PHE B 600 -21.33 -24.22 34.89
C PHE B 600 -21.85 -25.66 34.78
N GLU B 601 -21.28 -26.57 35.54
CA GLU B 601 -21.50 -28.03 35.50
C GLU B 601 -22.96 -28.50 35.61
N PRO B 602 -23.82 -27.96 36.51
CA PRO B 602 -25.25 -28.21 36.46
C PRO B 602 -25.92 -27.42 35.33
N GLY B 603 -26.28 -28.12 34.26
CA GLY B 603 -27.15 -27.64 33.19
C GLY B 603 -26.53 -26.64 32.20
N TYR B 604 -25.35 -26.08 32.46
CA TYR B 604 -24.71 -25.03 31.64
C TYR B 604 -25.74 -23.99 31.19
N HIS B 605 -25.90 -23.79 29.88
CA HIS B 605 -26.76 -22.76 29.29
C HIS B 605 -28.21 -22.85 29.76
N GLU B 606 -28.71 -24.07 30.04
CA GLU B 606 -30.07 -24.29 30.54
C GLU B 606 -30.37 -23.62 31.89
N ARG B 607 -29.33 -23.22 32.63
CA ARG B 607 -29.44 -22.60 33.96
C ARG B 607 -28.64 -21.30 34.08
N TYR B 608 -27.52 -21.17 33.36
CA TYR B 608 -26.78 -19.92 33.18
C TYR B 608 -27.63 -18.81 32.57
N TYR B 609 -28.44 -19.10 31.53
CA TYR B 609 -29.23 -18.05 30.88
C TYR B 609 -30.25 -17.43 31.84
N THR B 610 -31.01 -18.24 32.57
CA THR B 610 -31.99 -17.70 33.52
C THR B 610 -31.30 -16.97 34.67
N ALA B 611 -30.12 -17.42 35.11
CA ALA B 611 -29.33 -16.75 36.14
C ALA B 611 -28.84 -15.36 35.71
N LYS B 612 -28.44 -15.17 34.45
CA LYS B 612 -27.97 -13.88 33.93
C LYS B 612 -29.09 -12.94 33.50
N PHE B 613 -30.04 -13.39 32.69
CA PHE B 613 -31.01 -12.51 32.02
C PHE B 613 -32.37 -12.41 32.71
N HIS B 614 -32.62 -13.21 33.75
CA HIS B 614 -33.92 -13.29 34.43
C HIS B 614 -35.08 -13.67 33.48
N VAL B 615 -34.82 -14.64 32.59
CA VAL B 615 -35.77 -15.12 31.57
C VAL B 615 -36.20 -16.56 31.84
N THR B 616 -37.47 -16.86 31.58
CA THR B 616 -38.12 -18.18 31.75
C THR B 616 -37.59 -19.25 30.78
N PRO B 617 -37.50 -20.52 31.18
CA PRO B 617 -36.80 -21.57 30.42
C PRO B 617 -37.44 -21.89 29.06
N GLN B 618 -38.73 -21.60 28.87
CA GLN B 618 -39.39 -21.77 27.58
C GLN B 618 -39.00 -20.73 26.53
N ASP B 619 -38.46 -19.57 26.91
CA ASP B 619 -38.11 -18.49 26.00
C ASP B 619 -36.67 -18.55 25.45
N ILE B 620 -35.82 -19.40 26.03
CA ILE B 620 -34.37 -19.34 25.86
C ILE B 620 -33.91 -19.61 24.43
N GLU B 621 -34.58 -20.50 23.70
CA GLU B 621 -34.22 -20.79 22.31
C GLU B 621 -34.28 -19.54 21.42
N GLN B 622 -35.32 -18.73 21.59
CA GLN B 622 -35.48 -17.48 20.83
C GLN B 622 -34.39 -16.48 21.21
N LEU B 623 -34.15 -16.29 22.52
CA LEU B 623 -33.14 -15.37 23.00
C LEU B 623 -31.74 -15.77 22.51
N ARG B 624 -31.40 -17.06 22.62
CA ARG B 624 -30.14 -17.61 22.14
C ARG B 624 -29.96 -17.34 20.65
N LYS B 625 -30.98 -17.63 19.84
CA LYS B 625 -30.88 -17.40 18.40
C LYS B 625 -30.65 -15.93 18.07
N ASP B 626 -31.34 -15.00 18.74
CA ASP B 626 -31.15 -13.57 18.51
C ASP B 626 -29.78 -13.07 19.00
N MET B 627 -29.32 -13.50 20.18
CA MET B 627 -28.01 -13.11 20.69
C MET B 627 -26.90 -13.59 19.78
N VAL B 628 -26.94 -14.85 19.32
CA VAL B 628 -25.92 -15.39 18.42
C VAL B 628 -25.87 -14.61 17.11
N LYS B 629 -27.02 -14.25 16.53
CA LYS B 629 -27.07 -13.36 15.37
C LYS B 629 -26.38 -12.04 15.67
N CYS B 630 -26.72 -11.39 16.77
CA CYS B 630 -26.13 -10.10 17.13
C CYS B 630 -24.62 -10.21 17.39
N TYR B 631 -24.15 -11.27 18.04
CA TYR B 631 -22.73 -11.42 18.32
C TYR B 631 -21.92 -11.64 17.05
N ILE B 632 -22.42 -12.48 16.14
CA ILE B 632 -21.77 -12.68 14.84
C ILE B 632 -21.78 -11.41 14.01
N GLU B 633 -22.87 -10.64 13.96
CA GLU B 633 -22.85 -9.32 13.32
C GLU B 633 -21.79 -8.41 13.95
N GLY B 634 -21.65 -8.45 15.28
CA GLY B 634 -20.62 -7.68 15.97
C GLY B 634 -19.22 -8.11 15.55
N VAL B 635 -18.95 -9.41 15.52
CA VAL B 635 -17.67 -9.93 15.06
C VAL B 635 -17.38 -9.50 13.63
N ALA B 636 -18.39 -9.45 12.76
CA ALA B 636 -18.22 -8.93 11.41
C ALA B 636 -17.95 -7.41 11.40
N TRP B 637 -18.72 -6.61 12.14
CA TRP B 637 -18.52 -5.16 12.22
C TRP B 637 -17.14 -4.82 12.75
N VAL B 638 -16.64 -5.54 13.75
CA VAL B 638 -15.30 -5.36 14.29
C VAL B 638 -14.25 -5.65 13.24
N LEU B 639 -14.36 -6.76 12.52
CA LEU B 639 -13.37 -7.09 11.51
C LEU B 639 -13.38 -6.05 10.39
N MET B 640 -14.56 -5.61 9.96
CA MET B 640 -14.70 -4.56 8.96
C MET B 640 -14.09 -3.23 9.42
N TYR B 641 -14.33 -2.82 10.67
CA TYR B 641 -13.90 -1.54 11.24
C TYR B 641 -12.42 -1.27 11.02
N TYR B 642 -11.56 -2.22 11.37
CA TYR B 642 -10.12 -2.05 11.22
C TYR B 642 -9.61 -2.31 9.80
N TYR B 643 -10.24 -3.18 9.01
CA TYR B 643 -9.73 -3.53 7.68
C TYR B 643 -10.18 -2.60 6.56
N GLN B 644 -11.38 -1.99 6.64
CA GLN B 644 -11.90 -1.09 5.61
C GLN B 644 -12.73 0.07 6.18
N GLY B 645 -12.60 0.38 7.46
CA GLY B 645 -13.34 1.45 8.12
C GLY B 645 -14.71 1.01 8.65
N CYS B 646 -15.38 1.87 9.42
CA CYS B 646 -16.63 1.54 10.07
C CYS B 646 -17.75 1.28 9.05
N ALA B 647 -18.46 0.16 9.21
CA ALA B 647 -19.60 -0.15 8.36
C ALA B 647 -20.82 0.72 8.70
N SER B 648 -21.06 0.92 10.00
CA SER B 648 -22.13 1.76 10.53
C SER B 648 -21.75 2.41 11.85
N TRP B 649 -21.99 3.71 11.98
CA TRP B 649 -21.90 4.43 13.26
C TRP B 649 -23.07 4.13 14.20
N ASN B 650 -24.21 3.66 13.67
CA ASN B 650 -25.43 3.37 14.42
C ASN B 650 -25.50 1.98 15.06
N TRP B 651 -24.70 1.00 14.62
CA TRP B 651 -24.80 -0.38 15.10
C TRP B 651 -24.26 -0.55 16.53
N PHE B 652 -24.86 -1.44 17.32
CA PHE B 652 -24.34 -1.84 18.63
C PHE B 652 -24.84 -3.22 19.04
N TYR B 653 -24.15 -3.89 19.96
CA TYR B 653 -24.58 -5.15 20.53
C TYR B 653 -25.64 -4.96 21.62
N PRO B 654 -26.83 -5.61 21.58
CA PRO B 654 -27.95 -5.20 22.42
C PRO B 654 -27.91 -5.63 23.90
N TYR B 655 -26.86 -6.31 24.37
CA TYR B 655 -26.92 -7.06 25.63
C TYR B 655 -25.66 -6.91 26.49
N HIS B 656 -25.79 -7.17 27.79
CA HIS B 656 -24.67 -7.08 28.75
C HIS B 656 -23.74 -8.30 28.76
N TYR B 657 -24.11 -9.38 28.09
CA TYR B 657 -23.44 -10.68 28.18
C TYR B 657 -23.38 -11.39 26.83
N ALA B 658 -22.45 -12.33 26.69
CA ALA B 658 -22.28 -13.14 25.50
C ALA B 658 -22.95 -14.54 25.61
N PRO B 659 -23.28 -15.18 24.48
CA PRO B 659 -23.67 -16.59 24.45
C PRO B 659 -22.58 -17.52 25.00
N LEU B 660 -22.90 -18.79 25.23
CA LEU B 660 -21.89 -19.82 25.47
C LEU B 660 -21.42 -20.48 24.17
N ALA B 661 -20.25 -21.11 24.19
CA ALA B 661 -19.65 -21.72 23.00
C ALA B 661 -20.55 -22.77 22.32
N THR B 662 -21.36 -23.46 23.12
CA THR B 662 -22.37 -24.43 22.69
C THR B 662 -23.44 -23.87 21.76
N ASP B 663 -23.61 -22.55 21.71
CA ASP B 663 -24.77 -21.90 21.13
C ASP B 663 -24.51 -21.44 19.70
N PHE B 664 -23.25 -21.32 19.31
CA PHE B 664 -22.81 -20.84 18.01
C PHE B 664 -22.95 -21.91 16.92
N HIS B 665 -24.14 -22.04 16.34
CA HIS B 665 -24.42 -22.81 15.13
C HIS B 665 -25.72 -22.36 14.45
N GLY B 666 -25.87 -22.71 13.18
CA GLY B 666 -27.05 -22.38 12.38
C GLY B 666 -27.05 -20.96 11.81
N PHE B 667 -26.02 -20.16 12.05
CA PHE B 667 -25.88 -18.82 11.48
C PHE B 667 -25.22 -18.81 10.10
N SER B 668 -24.59 -19.90 9.67
CA SER B 668 -23.89 -19.99 8.37
C SER B 668 -24.72 -19.57 7.16
N HIS B 669 -26.05 -19.74 7.20
CA HIS B 669 -26.94 -19.29 6.12
C HIS B 669 -27.01 -17.77 5.94
N LEU B 670 -26.55 -16.98 6.92
CA LEU B 670 -26.73 -15.54 6.98
C LEU B 670 -25.90 -14.77 5.94
N GLU B 671 -26.43 -13.65 5.47
CA GLU B 671 -25.67 -12.61 4.79
C GLU B 671 -25.85 -11.28 5.53
N ILE B 672 -24.78 -10.49 5.66
CA ILE B 672 -24.69 -9.38 6.62
C ILE B 672 -24.63 -8.03 5.90
N LYS B 673 -25.35 -7.02 6.41
CA LYS B 673 -25.50 -5.69 5.79
C LYS B 673 -25.41 -4.55 6.81
N PHE B 674 -25.09 -3.36 6.32
CA PHE B 674 -24.81 -2.15 7.11
C PHE B 674 -25.04 -0.87 6.28
N GLU B 675 -25.18 0.28 6.94
CA GLU B 675 -25.20 1.60 6.29
C GLU B 675 -24.29 2.61 7.01
N GLU B 676 -23.55 3.43 6.26
CA GLU B 676 -22.68 4.45 6.81
C GLU B 676 -23.42 5.72 7.27
N GLY B 677 -24.50 5.58 8.06
CA GLY B 677 -25.29 6.72 8.55
C GLY B 677 -24.47 7.66 9.43
N THR B 678 -24.65 8.97 9.29
CA THR B 678 -23.76 10.00 9.83
C THR B 678 -23.59 9.93 11.35
N PRO B 679 -22.37 10.03 11.90
CA PRO B 679 -22.15 10.03 13.36
C PRO B 679 -22.69 11.30 14.04
N PHE B 680 -22.81 11.23 15.36
CA PHE B 680 -23.43 12.27 16.19
C PHE B 680 -22.68 13.59 16.18
N LEU B 681 -23.36 14.70 16.51
CA LEU B 681 -22.69 15.97 16.80
C LEU B 681 -22.06 15.98 18.21
N PRO B 682 -21.07 16.85 18.49
CA PRO B 682 -20.36 16.89 19.76
C PRO B 682 -21.24 16.89 21.02
N TYR B 683 -22.28 17.71 21.10
CA TYR B 683 -23.16 17.71 22.28
C TYR B 683 -24.01 16.44 22.37
N GLU B 684 -24.43 15.86 21.24
CA GLU B 684 -25.11 14.57 21.24
C GLU B 684 -24.19 13.46 21.75
N GLN B 685 -22.92 13.47 21.32
CA GLN B 685 -21.89 12.61 21.89
C GLN B 685 -21.77 12.81 23.40
N LEU B 686 -21.67 14.05 23.89
CA LEU B 686 -21.55 14.32 25.33
C LEU B 686 -22.78 13.84 26.10
N MET B 687 -23.97 14.18 25.63
CA MET B 687 -25.22 13.76 26.26
C MET B 687 -25.32 12.25 26.34
N SER B 688 -24.81 11.53 25.35
CA SER B 688 -24.79 10.08 25.36
C SER B 688 -23.95 9.50 26.50
N VAL B 689 -22.73 10.01 26.71
CA VAL B 689 -21.77 9.34 27.61
C VAL B 689 -21.65 9.94 29.01
N LEU B 690 -21.99 11.21 29.23
CA LEU B 690 -21.75 11.84 30.53
C LEU B 690 -22.75 11.41 31.63
N PRO B 691 -22.28 11.07 32.83
CA PRO B 691 -23.12 11.07 34.03
C PRO B 691 -23.42 12.50 34.48
N ALA B 692 -24.53 12.72 35.19
CA ALA B 692 -25.02 14.06 35.52
C ALA B 692 -24.06 14.90 36.37
N ALA B 693 -23.21 14.27 37.20
CA ALA B 693 -22.18 14.98 37.96
C ALA B 693 -21.21 15.76 37.05
N SER B 694 -20.85 15.21 35.89
CA SER B 694 -19.97 15.86 34.92
C SER B 694 -20.69 16.83 33.98
N GLY B 695 -22.00 17.04 34.16
CA GLY B 695 -22.84 17.88 33.29
C GLY B 695 -22.42 19.35 33.20
N HIS B 696 -21.57 19.82 34.12
CA HIS B 696 -20.95 21.14 34.04
C HIS B 696 -20.09 21.35 32.78
N ALA B 697 -19.63 20.27 32.13
CA ALA B 697 -18.86 20.35 30.89
C ALA B 697 -19.68 20.79 29.66
N LEU B 698 -21.00 20.56 29.66
CA LEU B 698 -21.90 21.07 28.63
C LEU B 698 -22.31 22.52 28.89
N PRO B 699 -22.79 23.25 27.88
CA PRO B 699 -23.68 24.39 28.10
C PRO B 699 -24.83 23.96 29.01
N LYS B 700 -24.99 24.58 30.18
CA LYS B 700 -25.79 24.00 31.28
C LYS B 700 -27.29 23.88 31.00
N ILE B 701 -27.79 24.49 29.92
CA ILE B 701 -29.10 24.17 29.37
C ILE B 701 -29.28 22.66 29.11
N PHE B 702 -28.30 21.99 28.51
CA PHE B 702 -28.36 20.53 28.31
C PHE B 702 -28.27 19.78 29.63
N ARG B 703 -27.48 20.28 30.60
CA ARG B 703 -27.35 19.67 31.92
C ARG B 703 -28.69 19.55 32.66
N SER B 704 -29.62 20.47 32.42
CA SER B 704 -30.98 20.37 32.98
C SER B 704 -31.70 19.07 32.57
N LEU B 705 -31.47 18.56 31.36
CA LEU B 705 -32.10 17.33 30.90
C LEU B 705 -31.54 16.08 31.61
N MET B 706 -30.30 16.13 32.10
CA MET B 706 -29.73 15.02 32.87
C MET B 706 -30.31 14.93 34.28
N SER B 707 -30.61 16.04 34.91
CA SER B 707 -30.81 16.12 36.36
C SER B 707 -32.22 16.51 36.78
N GLU B 708 -32.91 17.38 36.04
CA GLU B 708 -34.22 17.90 36.44
C GLU B 708 -35.33 16.83 36.41
N PRO B 709 -36.11 16.62 37.49
CA PRO B 709 -37.18 15.60 37.56
C PRO B 709 -38.29 15.69 36.51
N ASP B 710 -38.39 16.77 35.75
CA ASP B 710 -39.34 16.94 34.65
C ASP B 710 -38.86 16.38 33.30
N SER B 711 -37.56 16.06 33.16
CA SER B 711 -36.95 15.66 31.88
C SER B 711 -37.53 14.37 31.29
N GLU B 712 -37.66 14.33 29.97
CA GLU B 712 -38.14 13.18 29.20
C GLU B 712 -37.14 12.01 29.17
N ILE B 713 -35.90 12.24 29.56
CA ILE B 713 -34.77 11.32 29.35
C ILE B 713 -34.02 10.95 30.64
N ILE B 714 -34.61 11.21 31.81
CA ILE B 714 -34.02 10.91 33.13
C ILE B 714 -33.62 9.44 33.25
N ASP B 715 -34.34 8.54 32.59
CA ASP B 715 -34.03 7.11 32.64
C ASP B 715 -32.60 6.78 32.19
N PHE B 716 -32.01 7.60 31.32
CA PHE B 716 -30.63 7.46 30.87
C PHE B 716 -29.59 8.04 31.84
N TYR B 717 -29.99 8.65 32.97
CA TYR B 717 -29.06 9.27 33.92
C TYR B 717 -29.33 8.82 35.37
N PRO B 718 -29.23 7.51 35.66
CA PRO B 718 -29.38 7.00 37.02
C PRO B 718 -28.29 7.55 37.93
N GLU B 719 -28.66 8.14 39.06
CA GLU B 719 -27.70 8.68 40.05
C GLU B 719 -26.88 7.59 40.74
N GLU B 720 -27.43 6.38 40.85
CA GLU B 720 -26.74 5.16 41.28
C GLU B 720 -27.36 3.97 40.53
N PHE B 721 -26.58 2.91 40.27
CA PHE B 721 -26.94 1.87 39.31
C PHE B 721 -26.43 0.48 39.73
N PRO B 722 -27.07 -0.61 39.27
CA PRO B 722 -26.61 -1.96 39.54
C PRO B 722 -25.28 -2.26 38.86
N ILE B 723 -24.40 -2.97 39.55
CA ILE B 723 -23.06 -3.32 39.08
C ILE B 723 -22.78 -4.81 39.32
N ASP B 724 -22.02 -5.42 38.41
CA ASP B 724 -21.98 -6.87 38.27
C ASP B 724 -20.54 -7.38 38.09
N MET B 725 -19.95 -7.90 39.16
CA MET B 725 -18.61 -8.50 39.16
C MET B 725 -18.65 -9.98 38.77
N ASN B 726 -17.64 -10.46 38.05
CA ASN B 726 -17.62 -11.80 37.47
C ASN B 726 -16.23 -12.46 37.60
N GLY B 727 -16.19 -13.79 37.52
CA GLY B 727 -14.96 -14.58 37.52
C GLY B 727 -14.10 -14.43 38.78
N LYS B 728 -14.72 -14.14 39.93
CA LYS B 728 -14.02 -13.79 41.18
C LYS B 728 -13.09 -12.58 41.09
N LYS B 729 -13.34 -11.65 40.16
CA LYS B 729 -12.65 -10.37 40.07
C LYS B 729 -13.03 -9.44 41.24
N MET B 730 -12.46 -9.68 42.41
CA MET B 730 -12.62 -8.87 43.63
C MET B 730 -11.84 -7.54 43.51
N SER B 731 -12.21 -6.71 42.55
CA SER B 731 -11.46 -5.53 42.11
C SER B 731 -12.38 -4.46 41.48
N TRP B 732 -11.79 -3.48 40.82
CA TRP B 732 -12.48 -2.37 40.13
C TRP B 732 -13.34 -2.79 38.93
N GLN B 733 -13.25 -4.05 38.50
CA GLN B 733 -13.64 -4.53 37.16
C GLN B 733 -15.14 -4.76 36.92
N GLY B 734 -16.03 -4.35 37.83
CA GLY B 734 -17.47 -4.62 37.74
C GLY B 734 -18.19 -3.95 36.55
N ILE B 735 -19.11 -4.68 35.91
CA ILE B 735 -19.90 -4.21 34.76
C ILE B 735 -21.07 -3.35 35.24
N ALA B 736 -21.16 -2.10 34.83
CA ALA B 736 -22.32 -1.26 35.11
C ALA B 736 -23.51 -1.68 34.22
N LEU B 737 -24.58 -2.20 34.80
CA LEU B 737 -25.76 -2.68 34.08
C LEU B 737 -26.73 -1.53 33.73
N LEU B 738 -26.20 -0.50 33.07
CA LEU B 738 -26.94 0.69 32.68
C LEU B 738 -27.97 0.37 31.57
N PRO B 739 -29.12 1.04 31.50
CA PRO B 739 -30.05 0.85 30.39
C PRO B 739 -29.44 1.36 29.09
N PHE B 740 -29.56 0.59 28.00
CA PHE B 740 -29.13 1.02 26.68
C PHE B 740 -30.00 2.18 26.17
N ILE B 741 -29.36 3.24 25.70
CA ILE B 741 -30.06 4.43 25.19
C ILE B 741 -30.82 4.13 23.90
N ASP B 742 -32.09 4.55 23.85
CA ASP B 742 -32.79 4.79 22.60
C ASP B 742 -32.29 6.09 21.97
N GLN B 743 -31.52 5.99 20.89
CA GLN B 743 -30.95 7.15 20.22
C GLN B 743 -32.01 8.08 19.62
N ASP B 744 -33.16 7.57 19.16
CA ASP B 744 -34.21 8.43 18.61
C ASP B 744 -34.81 9.32 19.70
N ARG B 745 -35.06 8.76 20.88
CA ARG B 745 -35.52 9.49 22.07
C ARG B 745 -34.47 10.50 22.53
N LEU B 746 -33.20 10.10 22.66
CA LEU B 746 -32.13 11.02 23.05
C LEU B 746 -31.96 12.16 22.05
N LEU B 747 -31.76 11.85 20.77
CA LEU B 747 -31.44 12.86 19.77
C LEU B 747 -32.59 13.86 19.61
N THR B 748 -33.85 13.41 19.61
CA THR B 748 -34.98 14.36 19.54
C THR B 748 -35.09 15.24 20.79
N ALA B 749 -34.75 14.73 21.98
CA ALA B 749 -34.69 15.54 23.20
C ALA B 749 -33.56 16.58 23.16
N VAL B 750 -32.38 16.19 22.67
CA VAL B 750 -31.19 17.06 22.59
C VAL B 750 -31.35 18.13 21.51
N ARG B 751 -31.73 17.75 20.29
CA ARG B 751 -31.82 18.69 19.15
C ARG B 751 -32.86 19.77 19.37
N ALA B 752 -33.88 19.51 20.17
CA ALA B 752 -34.87 20.52 20.54
C ALA B 752 -34.27 21.73 21.28
N GLN B 753 -33.12 21.58 21.94
CA GLN B 753 -32.47 22.68 22.66
C GLN B 753 -31.67 23.61 21.75
N TYR B 754 -31.27 23.16 20.55
CA TYR B 754 -30.32 23.86 19.69
C TYR B 754 -30.68 25.33 19.36
N PRO B 755 -31.94 25.71 19.03
CA PRO B 755 -32.24 27.10 18.74
C PRO B 755 -32.17 28.02 19.97
N LEU B 756 -32.11 27.47 21.19
CA LEU B 756 -31.85 28.23 22.40
C LEU B 756 -30.36 28.54 22.64
N LEU B 757 -29.44 27.82 22.00
CA LEU B 757 -27.99 27.99 22.17
C LEU B 757 -27.43 29.22 21.43
N SER B 758 -26.34 29.77 21.94
CA SER B 758 -25.61 30.90 21.32
C SER B 758 -24.88 30.47 20.03
N ASP B 759 -24.60 31.40 19.12
CA ASP B 759 -23.74 31.13 17.96
C ASP B 759 -22.34 30.63 18.38
N ALA B 760 -21.81 31.11 19.50
CA ALA B 760 -20.56 30.64 20.08
C ALA B 760 -20.64 29.20 20.66
N GLU B 761 -21.85 28.71 20.91
CA GLU B 761 -22.10 27.32 21.36
C GLU B 761 -22.46 26.41 20.18
N ARG B 762 -22.98 26.96 19.08
CA ARG B 762 -23.09 26.28 17.79
C ARG B 762 -21.71 26.03 17.16
N ALA B 763 -20.81 27.01 17.26
CA ALA B 763 -19.39 26.75 17.14
C ALA B 763 -18.97 25.68 18.16
N ARG B 764 -18.09 24.78 17.76
CA ARG B 764 -17.77 23.56 18.50
C ARG B 764 -18.92 22.53 18.66
N ASN B 765 -20.08 22.73 18.02
CA ASN B 765 -21.08 21.68 17.80
C ASN B 765 -21.42 21.46 16.31
N ILE B 766 -21.03 22.37 15.42
CA ILE B 766 -20.80 22.05 14.01
C ILE B 766 -19.70 20.97 13.86
N ARG B 767 -19.77 20.16 12.81
CA ARG B 767 -18.82 19.05 12.60
C ARG B 767 -17.38 19.54 12.48
N GLY B 768 -17.14 20.65 11.80
CA GLY B 768 -15.79 21.18 11.60
C GLY B 768 -14.84 20.15 10.95
N GLU B 769 -15.36 19.34 10.03
CA GLU B 769 -14.72 18.10 9.58
C GLU B 769 -13.28 18.19 9.03
N PRO B 770 -12.80 19.29 8.42
CA PRO B 770 -11.44 19.35 7.93
C PRO B 770 -10.36 19.00 8.95
N VAL B 771 -9.54 18.03 8.57
CA VAL B 771 -8.17 17.88 9.05
C VAL B 771 -7.33 19.06 8.52
N LEU B 772 -6.23 19.39 9.17
CA LEU B 772 -5.35 20.50 8.78
C LEU B 772 -3.94 20.03 8.44
N LEU B 773 -3.25 20.77 7.57
CA LEU B 773 -1.86 20.56 7.15
C LEU B 773 -1.07 21.87 7.23
N ILE B 774 0.20 21.81 7.69
CA ILE B 774 1.08 22.98 7.87
C ILE B 774 2.44 22.79 7.18
N SER B 775 2.99 23.83 6.56
CA SER B 775 4.26 23.82 5.79
C SER B 775 5.08 25.10 5.96
N ASN B 776 6.38 25.03 5.67
CA ASN B 776 7.40 26.03 6.05
C ASN B 776 8.57 26.11 5.04
N LYS B 777 8.36 26.72 3.87
CA LYS B 777 9.34 26.70 2.75
C LYS B 777 9.63 25.30 2.19
N ASN B 778 8.70 24.37 2.41
CA ASN B 778 8.69 23.00 1.89
C ASN B 778 8.76 22.95 0.36
N ALA B 779 9.09 21.79 -0.21
CA ALA B 779 9.12 21.56 -1.66
C ALA B 779 7.85 22.00 -2.40
N ASN B 780 6.68 21.95 -1.76
CA ASN B 780 5.40 22.37 -2.36
C ASN B 780 5.06 23.84 -2.11
N TYR B 781 5.81 24.55 -1.29
CA TYR B 781 5.37 25.80 -0.65
C TYR B 781 4.84 26.82 -1.65
N GLU B 782 5.61 27.08 -2.71
CA GLU B 782 5.26 28.12 -3.67
C GLU B 782 4.06 27.70 -4.52
N ARG B 783 3.98 26.43 -4.95
CA ARG B 783 2.84 25.89 -5.69
C ARG B 783 1.56 26.03 -4.88
N PHE B 784 1.57 25.58 -3.63
CA PHE B 784 0.42 25.67 -2.75
C PHE B 784 0.03 27.12 -2.53
N SER B 785 0.98 27.97 -2.17
CA SER B 785 0.72 29.39 -1.93
C SER B 785 0.11 30.06 -3.17
N LYS B 786 0.70 29.80 -4.33
CA LYS B 786 0.34 30.40 -5.61
C LYS B 786 -1.12 30.19 -5.98
N LYS B 787 -1.67 29.01 -5.71
CA LYS B 787 -3.08 28.70 -5.98
C LYS B 787 -3.99 29.02 -4.79
N LEU B 788 -3.61 28.63 -3.58
CA LEU B 788 -4.54 28.63 -2.45
C LEU B 788 -4.67 29.99 -1.74
N TYR B 789 -3.68 30.86 -1.83
CA TYR B 789 -3.68 32.12 -1.06
C TYR B 789 -3.50 33.36 -1.93
N SER B 790 -2.72 33.31 -3.00
CA SER B 790 -2.86 34.24 -4.13
C SER B 790 -3.89 33.72 -5.14
N LYS B 791 -5.03 33.24 -4.65
CA LYS B 791 -6.10 32.66 -5.46
C LYS B 791 -6.77 33.68 -6.39
N GLU B 792 -7.37 33.19 -7.48
CA GLU B 792 -8.18 34.00 -8.39
C GLU B 792 -9.48 34.50 -7.72
N ASN B 793 -10.02 33.72 -6.79
CA ASN B 793 -11.26 33.99 -6.07
C ASN B 793 -11.01 34.20 -4.57
N ASN B 794 -11.74 35.11 -3.95
CA ASN B 794 -11.76 35.28 -2.50
C ASN B 794 -12.42 34.10 -1.79
N ASN B 795 -13.56 33.65 -2.31
CA ASN B 795 -14.19 32.39 -1.95
C ASN B 795 -13.30 31.21 -2.38
N ASN B 796 -12.97 30.30 -1.46
CA ASN B 796 -12.08 29.19 -1.77
C ASN B 796 -12.81 28.03 -2.45
N ASN B 797 -13.15 28.17 -3.72
CA ASN B 797 -13.51 27.03 -4.58
C ASN B 797 -12.26 26.29 -5.11
N VAL B 798 -11.09 26.94 -5.10
CA VAL B 798 -9.82 26.37 -5.58
C VAL B 798 -9.31 25.29 -4.63
N VAL B 799 -8.92 24.14 -5.18
CA VAL B 799 -8.44 22.97 -4.40
C VAL B 799 -7.28 22.33 -5.14
N VAL B 800 -6.30 21.80 -4.42
CA VAL B 800 -5.13 21.12 -4.98
C VAL B 800 -5.12 19.65 -4.58
N LYS B 801 -5.13 18.73 -5.53
CA LYS B 801 -4.76 17.33 -5.30
C LYS B 801 -3.25 17.18 -5.41
N PHE B 802 -2.61 16.36 -4.58
CA PHE B 802 -1.18 16.11 -4.68
C PHE B 802 -0.79 14.68 -4.33
N GLN B 803 0.34 14.25 -4.87
CA GLN B 803 0.73 12.86 -5.05
C GLN B 803 2.04 12.54 -4.36
N HIS B 804 2.23 11.31 -3.90
CA HIS B 804 3.29 10.94 -2.95
C HIS B 804 4.71 11.26 -3.40
N PHE B 805 5.03 11.21 -4.70
CA PHE B 805 6.43 11.22 -5.15
C PHE B 805 7.21 12.48 -4.75
N LYS B 806 6.61 13.67 -4.82
CA LYS B 806 7.35 14.92 -4.63
C LYS B 806 7.83 15.14 -3.20
N SER B 807 7.02 14.80 -2.20
CA SER B 807 7.32 15.12 -0.80
C SER B 807 6.99 14.03 0.21
N GLY B 808 6.70 12.81 -0.24
CA GLY B 808 6.44 11.67 0.66
C GLY B 808 5.07 11.70 1.33
N LEU B 809 4.13 12.48 0.80
CA LEU B 809 2.77 12.59 1.27
C LEU B 809 1.85 12.83 0.09
N SER B 810 0.60 12.42 0.20
CA SER B 810 -0.44 12.67 -0.79
C SER B 810 -1.69 13.15 -0.10
N GLY B 811 -2.61 13.73 -0.85
CA GLY B 811 -3.87 14.19 -0.31
C GLY B 811 -4.57 15.19 -1.21
N ILE B 812 -5.55 15.89 -0.64
CA ILE B 812 -6.27 16.99 -1.25
C ILE B 812 -6.24 18.17 -0.27
N VAL B 813 -6.05 19.39 -0.77
CA VAL B 813 -5.64 20.54 0.04
C VAL B 813 -6.35 21.81 -0.38
N SER B 814 -6.65 22.68 0.57
CA SER B 814 -7.44 23.90 0.36
C SER B 814 -7.19 24.93 1.45
N LYS B 815 -7.67 26.17 1.28
CA LYS B 815 -7.45 27.23 2.27
C LYS B 815 -7.94 26.81 3.65
N ASP B 816 -7.40 27.36 4.73
CA ASP B 816 -8.08 27.26 6.03
C ASP B 816 -9.43 27.99 6.02
N VAL B 817 -10.36 27.50 6.84
CA VAL B 817 -11.58 28.23 7.23
C VAL B 817 -11.35 29.19 8.41
N GLU B 818 -10.21 29.08 9.07
CA GLU B 818 -9.89 29.70 10.37
C GLU B 818 -9.52 31.19 10.32
N GLY B 819 -9.60 31.85 9.16
CA GLY B 819 -9.17 33.24 9.00
C GLY B 819 -7.66 33.45 8.88
N PHE B 820 -6.89 32.39 8.64
CA PHE B 820 -5.46 32.47 8.35
C PHE B 820 -5.22 33.24 7.03
N GLU B 821 -4.14 34.00 6.95
CA GLU B 821 -3.77 34.77 5.77
C GLU B 821 -2.25 34.85 5.61
N LEU B 822 -1.78 34.96 4.36
CA LEU B 822 -0.36 34.73 4.02
C LEU B 822 0.61 35.66 4.76
N ASN B 823 0.26 36.94 4.93
CA ASN B 823 1.05 37.95 5.62
C ASN B 823 0.72 38.15 7.11
N GLY B 824 -0.11 37.29 7.70
CA GLY B 824 -0.52 37.41 9.11
C GLY B 824 0.45 36.77 10.10
N LYS B 825 0.40 37.18 11.36
CA LYS B 825 1.11 36.58 12.48
C LYS B 825 0.19 36.40 13.69
N ILE B 826 0.55 35.50 14.60
CA ILE B 826 -0.33 35.01 15.66
C ILE B 826 0.36 34.73 16.99
N VAL B 827 -0.43 34.68 18.06
CA VAL B 827 0.00 34.68 19.47
C VAL B 827 -0.49 33.43 20.22
N CYS B 828 0.31 32.97 21.19
CA CYS B 828 0.00 31.79 22.00
C CYS B 828 -1.28 32.01 22.84
N PRO B 829 -2.16 30.99 23.00
CA PRO B 829 -3.32 31.07 23.89
C PRO B 829 -2.98 31.50 25.32
N LEU B 835 4.03 33.90 22.75
CA LEU B 835 5.37 33.94 22.19
C LEU B 835 5.32 34.08 20.65
N PRO B 836 4.88 35.25 20.12
CA PRO B 836 4.39 35.42 18.75
C PRO B 836 5.20 34.75 17.64
N ASN B 837 4.50 34.10 16.71
CA ASN B 837 5.08 33.13 15.78
C ASN B 837 5.67 33.71 14.49
N LEU B 838 5.31 34.94 14.10
CA LEU B 838 5.74 35.58 12.85
C LEU B 838 5.47 34.76 11.57
N SER B 839 4.36 34.02 11.50
CA SER B 839 4.02 33.14 10.36
C SER B 839 4.04 33.82 9.00
N THR B 840 3.83 35.13 8.96
CA THR B 840 3.69 35.97 7.79
C THR B 840 4.83 35.84 6.76
N THR B 841 6.01 35.41 7.21
CA THR B 841 7.16 35.16 6.34
C THR B 841 7.72 33.73 6.50
N LEU B 842 7.07 32.86 7.27
CA LEU B 842 7.62 31.58 7.69
C LEU B 842 6.76 30.35 7.38
N ILE B 843 5.43 30.47 7.32
CA ILE B 843 4.52 29.32 7.27
C ILE B 843 3.34 29.53 6.32
N LEU B 844 2.86 28.42 5.75
CA LEU B 844 1.53 28.30 5.12
C LEU B 844 0.78 27.12 5.77
N LYS B 845 -0.53 27.25 6.01
CA LYS B 845 -1.37 26.13 6.45
C LYS B 845 -2.73 26.08 5.75
N MET B 846 -3.28 24.88 5.69
CA MET B 846 -4.34 24.51 4.78
C MET B 846 -5.28 23.51 5.42
N SER B 847 -6.55 23.55 5.02
CA SER B 847 -7.44 22.41 5.20
C SER B 847 -6.99 21.27 4.31
N TYR B 848 -7.15 20.05 4.80
CA TYR B 848 -6.61 18.83 4.22
C TYR B 848 -7.67 17.74 4.20
N ARG B 849 -7.62 16.84 3.23
CA ARG B 849 -8.51 15.71 3.10
C ARG B 849 -7.77 14.51 2.53
N LEU B 850 -8.15 13.31 2.95
CA LEU B 850 -7.63 12.08 2.38
C LEU B 850 -8.12 11.90 0.94
N ILE B 851 -7.28 11.36 0.07
CA ILE B 851 -7.75 10.86 -1.23
C ILE B 851 -8.62 9.64 -0.95
N PRO B 852 -9.89 9.62 -1.39
CA PRO B 852 -10.79 8.51 -1.10
C PRO B 852 -10.30 7.24 -1.78
N LEU B 853 -10.52 6.08 -1.18
CA LEU B 853 -9.99 4.83 -1.70
C LEU B 853 -10.56 4.52 -3.10
N PRO B 854 -9.73 4.22 -4.11
CA PRO B 854 -10.21 3.86 -5.44
C PRO B 854 -11.08 2.61 -5.45
N SER B 855 -10.74 1.64 -4.61
CA SER B 855 -11.42 0.36 -4.43
C SER B 855 -10.98 -0.28 -3.11
N ARG B 856 -11.65 -1.34 -2.66
CA ARG B 856 -11.36 -2.00 -1.39
C ARG B 856 -9.89 -2.37 -1.23
N ASN B 857 -9.34 -2.08 -0.05
CA ASN B 857 -7.95 -2.35 0.29
C ASN B 857 -7.64 -3.86 0.33
N LYS B 858 -6.49 -4.28 -0.20
CA LYS B 858 -6.08 -5.68 -0.29
C LYS B 858 -5.02 -6.00 0.76
N SER B 859 -5.17 -7.11 1.48
CA SER B 859 -4.09 -7.65 2.32
C SER B 859 -3.03 -8.32 1.46
N ILE B 860 -2.09 -7.52 0.93
CA ILE B 860 -0.95 -7.96 0.12
C ILE B 860 0.27 -7.10 0.42
N ILE B 861 1.46 -7.66 0.25
CA ILE B 861 2.69 -6.90 0.08
C ILE B 861 2.64 -6.13 -1.24
N LEU B 862 2.95 -4.84 -1.25
CA LEU B 862 2.96 -4.01 -2.47
C LEU B 862 4.22 -4.22 -3.31
N ASN B 863 4.11 -3.96 -4.61
CA ASN B 863 5.23 -4.10 -5.54
C ASN B 863 6.41 -3.21 -5.14
N GLY B 864 7.62 -3.75 -5.11
CA GLY B 864 8.85 -3.01 -4.80
C GLY B 864 9.24 -3.00 -3.32
N PHE B 865 8.47 -3.64 -2.44
CA PHE B 865 8.91 -3.85 -1.05
C PHE B 865 10.22 -4.64 -1.03
N ILE B 866 11.20 -4.14 -0.28
CA ILE B 866 12.46 -4.82 0.00
C ILE B 866 12.49 -5.18 1.49
N PRO B 867 12.78 -6.43 1.87
CA PRO B 867 12.87 -6.80 3.28
C PRO B 867 14.09 -6.17 3.96
N SER B 868 14.03 -6.05 5.28
CA SER B 868 15.22 -5.85 6.11
C SER B 868 15.98 -7.17 6.27
N GLU B 869 17.14 -7.14 6.93
CA GLU B 869 17.84 -8.39 7.31
C GLU B 869 16.94 -9.31 8.17
N PRO B 870 17.08 -10.63 8.06
CA PRO B 870 16.45 -11.55 8.99
C PRO B 870 17.09 -11.41 10.37
N VAL B 871 16.33 -11.64 11.43
CA VAL B 871 16.82 -11.54 12.81
C VAL B 871 16.77 -12.89 13.53
N LEU B 872 15.81 -13.75 13.21
CA LEU B 872 15.71 -15.07 13.79
C LEU B 872 16.70 -16.04 13.13
N THR B 873 16.95 -17.18 13.79
CA THR B 873 17.79 -18.27 13.28
C THR B 873 17.16 -19.63 13.51
N ALA B 874 17.69 -20.69 12.88
CA ALA B 874 17.09 -22.02 12.87
C ALA B 874 16.77 -22.56 14.27
N TYR B 875 17.61 -22.27 15.27
CA TYR B 875 17.35 -22.67 16.65
C TYR B 875 16.10 -22.02 17.26
N ASP B 876 15.75 -20.80 16.84
CA ASP B 876 14.52 -20.12 17.27
C ASP B 876 13.29 -20.77 16.62
N LEU B 877 13.34 -20.96 15.31
CA LEU B 877 12.21 -21.48 14.55
C LEU B 877 11.91 -22.95 14.91
N ASP B 878 12.94 -23.77 15.09
CA ASP B 878 12.80 -25.15 15.53
C ASP B 878 12.24 -25.27 16.96
N SER B 879 12.48 -24.27 17.82
CA SER B 879 11.85 -24.20 19.13
C SER B 879 10.33 -23.95 19.03
N ILE B 880 9.91 -23.07 18.13
CA ILE B 880 8.49 -22.79 17.88
C ILE B 880 7.79 -23.94 17.15
N MET B 881 8.48 -24.62 16.23
CA MET B 881 7.99 -25.85 15.61
C MET B 881 7.91 -27.05 16.57
N TYR B 882 8.54 -26.97 17.75
CA TYR B 882 8.43 -27.97 18.81
C TYR B 882 7.07 -27.91 19.52
N GLN B 901 19.10 -11.27 21.95
CA GLN B 901 18.69 -10.08 21.24
C GLN B 901 19.54 -8.84 21.57
N ASN B 902 19.39 -7.78 20.78
CA ASN B 902 20.12 -6.52 20.87
C ASN B 902 19.37 -5.40 20.14
N ILE B 903 20.03 -4.29 19.80
CA ILE B 903 19.55 -3.41 18.75
C ILE B 903 19.49 -4.14 17.40
N VAL B 904 18.55 -3.78 16.53
CA VAL B 904 18.27 -4.49 15.26
C VAL B 904 18.05 -3.51 14.11
N PRO B 905 18.41 -3.88 12.87
CA PRO B 905 18.39 -2.98 11.74
C PRO B 905 16.96 -2.64 11.31
N VAL B 906 16.79 -1.51 10.66
CA VAL B 906 15.52 -1.05 10.10
C VAL B 906 15.76 -0.51 8.69
N GLY B 907 14.77 -0.59 7.82
CA GLY B 907 14.86 -0.17 6.42
C GLY B 907 15.28 -1.31 5.47
N PRO B 908 15.32 -1.04 4.15
CA PRO B 908 15.50 -2.05 3.12
C PRO B 908 16.95 -2.55 3.04
N LYS B 909 17.17 -3.87 2.95
CA LYS B 909 18.51 -4.46 2.76
C LYS B 909 18.94 -4.42 1.29
N GLY B 910 19.33 -3.25 0.80
CA GLY B 910 19.83 -3.06 -0.57
C GLY B 910 18.72 -2.97 -1.61
N ILE B 911 18.99 -3.43 -2.83
CA ILE B 911 18.20 -3.09 -4.02
C ILE B 911 17.28 -4.24 -4.47
N THR B 912 17.72 -5.49 -4.38
CA THR B 912 17.03 -6.60 -5.05
C THR B 912 15.74 -7.00 -4.34
N GLN B 913 14.63 -7.08 -5.08
CA GLN B 913 13.30 -7.44 -4.57
C GLN B 913 13.12 -8.93 -4.25
N TYR B 914 14.07 -9.79 -4.63
CA TYR B 914 13.96 -11.24 -4.55
C TYR B 914 15.14 -11.87 -3.80
N LYS B 915 14.91 -12.92 -3.02
CA LYS B 915 16.01 -13.62 -2.33
C LYS B 915 16.92 -14.34 -3.34
N PRO B 916 18.24 -14.41 -3.13
CA PRO B 916 19.11 -15.37 -3.80
C PRO B 916 18.65 -16.80 -3.55
N ARG B 917 18.63 -17.63 -4.60
CA ARG B 917 18.09 -19.00 -4.62
C ARG B 917 18.87 -19.86 -5.61
N THR B 918 18.86 -21.19 -5.46
CA THR B 918 19.54 -22.08 -6.41
C THR B 918 18.95 -21.94 -7.82
N GLY B 919 19.81 -21.90 -8.84
CA GLY B 919 19.38 -21.72 -10.23
C GLY B 919 19.17 -20.24 -10.61
N GLY B 920 20.26 -19.48 -10.73
CA GLY B 920 20.22 -18.06 -11.08
C GLY B 920 21.63 -17.46 -11.20
N TYR B 921 21.85 -16.53 -12.13
CA TYR B 921 23.20 -16.04 -12.43
C TYR B 921 23.82 -15.30 -11.26
N ARG B 922 23.18 -14.22 -10.79
CA ARG B 922 23.67 -13.43 -9.67
C ARG B 922 23.67 -14.27 -8.40
N ALA B 923 22.78 -15.24 -8.30
CA ALA B 923 22.78 -16.20 -7.21
C ALA B 923 23.93 -17.21 -7.27
N PHE B 924 24.41 -17.60 -8.45
CA PHE B 924 25.44 -18.65 -8.58
C PHE B 924 26.74 -18.28 -7.87
N PHE B 925 27.25 -17.06 -8.12
CA PHE B 925 28.44 -16.57 -7.45
C PHE B 925 28.24 -16.35 -5.95
N TYR B 926 27.03 -15.97 -5.53
CA TYR B 926 26.69 -15.84 -4.11
C TYR B 926 26.68 -17.19 -3.38
N PHE B 927 25.99 -18.19 -3.94
CA PHE B 927 25.90 -19.52 -3.34
C PHE B 927 27.24 -20.26 -3.31
N ALA B 928 28.13 -19.97 -4.26
CA ALA B 928 29.50 -20.45 -4.28
C ALA B 928 30.47 -19.58 -3.44
N GLU B 929 29.96 -18.69 -2.58
CA GLU B 929 30.75 -17.80 -1.72
C GLU B 929 31.72 -16.92 -2.52
#